data_3J1U
#
_entry.id   3J1U
#
_cell.length_a   1.000
_cell.length_b   1.000
_cell.length_c   1.000
_cell.angle_alpha   90.00
_cell.angle_beta   90.00
_cell.angle_gamma   90.00
#
_symmetry.space_group_name_H-M   'P 1'
#
loop_
_entity.id
_entity.type
_entity.pdbx_description
1 polymer 'Cytoplasmic dynein 1 heavy chain 1, seryl t-RNA synthetase chimera'
2 polymer 'Tubulin alpha-1B chain'
3 polymer 'Tubulin beta-2B chain'
#
loop_
_entity_poly.entity_id
_entity_poly.type
_entity_poly.pdbx_seq_one_letter_code
_entity_poly.pdbx_strand_id
1 'polypeptide(L)'
;KQQEVIADKQMSVKEDLDKVEPAVIEAQNAVKSIKKQHLVEVRSMANPPAAVKLALESICLLLGESTTDWKQIRSIIMRE
NFIPTIVNFSAEEISDAIREKMKKNYMSNPSYNYEIVNRASLACGPMVKWAIAQLNYADMLKRVEPLRNELQKLEDDAKD
NQQK
;
A
2 'polypeptide(L)'
;MRECISIHVGQAGVQIGNACWELYCLEHGIQPDGQMPSDKTIGGGDDSFNTFFSETGAGKHVPRAVFVDLEPTVIDEVRT
GTYRQLFHPEQLITGKEDAANNYARGHYTIGKEIIDLVLDRIRKLADQCTGLQGFSVFHSFGGGTGSGFTSLLMERLSVD
YGKKSKLEFSIYPAPQVSTAVVEPYNSILTTHTTLEHSDCAFMVDNEAIYDICRRNLDIERPTYTNLNRLIGQIVSSITA
SLRFDGALNVDLTEFQTNLVPYPRGHFPLATYAPVISAEKAYHEQLSVAEITNACFEPANQMVKCDPRHGKYMACCLLYR
GDVVPKDVNAAIATIKTKRTIQFVDWCPTGFKVGINYEPPTVVPGGDLAKVQRAVCMLSNTTAIAEAWARLDHKFDLMYA
KRAFVHWYVGEGMEEGEFSEAREDMAALEKDYEEVGVDSVEGEGEEEGEEY
;
B
3 'polypeptide(L)'
;MREIVHIQAGQCGNQIGAKFWEVISDEHGIDPTGSYHGDSDLQLERINVYYNEAAGNKYVPRAILVDLEPGTMDSVRSGP
FGQIFRPDNFVFGQSGAGNNWAKGHYTEGAELVDSVLDVVRKESESCDCLQGFQLTHSLGGGTGSGMGTLLISKIREEYP
DRIMNTFSVVPSPKVSDTVVEPYNATLSVHQLVENTDETYCIDNEALYDICFRTLKLTTPTYGDLNHLVSATMSGVTTCL
RFPGQLNADLRKLAVNMVPFPRLHFFMPGFAPLTSRGSQQYRALTVPELTQQMFDAKNMMAACDPRHGRYLTVAAVFRGR
MSMKEVDEQMLNVQNKNSSYFVEWIPNNVKTAVCDIPPRGLKMSATFIGNSTAIQELFKRISEQFTAMFRRKAFLHWYTG
EGMDEMEFTEAESNMNDLVSEYQQYQD
;
C
#
# COMPACT_ATOMS: atom_id res chain seq x y z
N LYS A 1 -59.16 32.08 34.35
CA LYS A 1 -57.97 33.04 34.12
C LYS A 1 -57.26 32.82 32.72
N GLN A 2 -56.61 33.93 32.23
CA GLN A 2 -56.07 34.10 30.87
C GLN A 2 -54.92 33.21 30.46
N GLN A 3 -54.00 32.99 31.40
CA GLN A 3 -52.77 32.20 31.26
C GLN A 3 -52.98 30.73 31.09
N GLU A 4 -54.28 30.30 31.39
CA GLU A 4 -54.63 28.88 31.48
C GLU A 4 -54.45 28.23 30.05
N VAL A 5 -55.00 28.87 29.03
CA VAL A 5 -54.90 28.42 27.64
C VAL A 5 -53.46 28.51 27.10
N ILE A 6 -52.78 29.71 27.40
CA ILE A 6 -51.41 29.97 26.99
C ILE A 6 -50.41 28.96 27.49
N ALA A 7 -50.44 28.68 28.81
CA ALA A 7 -49.75 27.63 29.53
C ALA A 7 -49.98 26.22 28.90
N ASP A 8 -51.24 25.82 28.77
CA ASP A 8 -51.58 24.54 28.08
C ASP A 8 -50.92 24.25 26.75
N LYS A 9 -51.10 25.21 25.84
CA LYS A 9 -50.53 25.21 24.48
C LYS A 9 -49.00 25.21 24.37
N GLN A 10 -48.38 26.03 25.21
CA GLN A 10 -46.95 26.09 25.44
C GLN A 10 -46.33 24.79 25.93
N MET A 11 -47.03 24.17 26.95
CA MET A 11 -46.56 22.86 27.47
C MET A 11 -46.67 21.75 26.43
N SER A 12 -47.81 21.80 25.69
CA SER A 12 -48.13 20.96 24.50
C SER A 12 -47.02 21.01 23.42
N VAL A 13 -46.48 22.19 23.07
CA VAL A 13 -45.41 22.32 22.07
C VAL A 13 -44.13 21.76 22.60
N LYS A 14 -43.84 22.07 23.87
CA LYS A 14 -42.65 21.52 24.55
C LYS A 14 -42.67 20.00 24.75
N GLU A 15 -43.79 19.31 25.08
CA GLU A 15 -43.91 17.87 25.27
C GLU A 15 -43.53 17.08 24.00
N ASP A 16 -43.92 17.64 22.84
CA ASP A 16 -43.57 17.22 21.51
C ASP A 16 -42.09 17.45 21.28
N LEU A 17 -41.50 18.64 21.51
CA LEU A 17 -40.10 18.92 21.22
C LEU A 17 -39.10 18.18 22.07
N ASP A 18 -39.37 17.87 23.33
CA ASP A 18 -38.49 17.19 24.28
C ASP A 18 -38.22 15.74 23.98
N LYS A 19 -39.03 15.13 23.17
CA LYS A 19 -38.87 13.75 22.78
C LYS A 19 -37.73 13.65 21.78
N VAL A 20 -37.49 14.69 20.99
CA VAL A 20 -36.57 14.68 19.90
C VAL A 20 -35.36 15.51 20.13
N GLU A 21 -35.51 16.54 21.03
CA GLU A 21 -34.45 17.56 21.34
C GLU A 21 -33.23 17.04 22.05
N PRO A 22 -33.19 16.10 23.06
CA PRO A 22 -31.89 15.65 23.60
C PRO A 22 -31.13 14.86 22.58
N ALA A 23 -31.77 14.23 21.59
CA ALA A 23 -31.21 13.60 20.49
C ALA A 23 -30.48 14.60 19.55
N VAL A 24 -31.15 15.72 19.23
CA VAL A 24 -30.49 16.80 18.40
C VAL A 24 -29.20 17.31 19.14
N ILE A 25 -29.23 17.56 20.50
CA ILE A 25 -28.12 18.07 21.20
C ILE A 25 -26.94 17.16 21.27
N GLU A 26 -27.24 15.87 21.56
CA GLU A 26 -26.34 14.66 21.46
C GLU A 26 -25.77 14.49 20.04
N ALA A 27 -26.56 14.76 19.03
CA ALA A 27 -26.17 14.61 17.66
C ALA A 27 -25.22 15.70 17.09
N GLN A 28 -25.51 17.01 17.40
CA GLN A 28 -24.57 18.11 17.13
C GLN A 28 -23.20 17.85 17.86
N ASN A 29 -23.24 17.45 19.05
CA ASN A 29 -22.07 17.10 19.84
C ASN A 29 -21.32 15.87 19.26
N ALA A 30 -22.00 14.81 18.82
CA ALA A 30 -21.40 13.82 17.94
C ALA A 30 -20.50 14.29 16.77
N VAL A 31 -21.01 15.27 15.99
CA VAL A 31 -20.36 15.82 14.80
C VAL A 31 -19.23 16.70 15.15
N LYS A 32 -19.33 17.49 16.22
CA LYS A 32 -18.25 18.36 16.68
C LYS A 32 -17.02 17.55 17.15
N SER A 33 -17.23 16.47 17.92
CA SER A 33 -16.17 15.79 18.59
C SER A 33 -15.55 14.68 17.80
N ILE A 34 -15.74 14.59 16.52
CA ILE A 34 -14.96 13.68 15.64
C ILE A 34 -13.43 14.00 15.49
N LYS A 35 -12.49 13.07 15.57
CA LYS A 35 -11.05 13.24 15.13
C LYS A 35 -10.93 13.38 13.68
N LYS A 36 -10.01 14.18 13.25
CA LYS A 36 -9.86 14.50 11.85
C LYS A 36 -9.63 13.30 10.91
N GLN A 37 -9.08 12.18 11.42
CA GLN A 37 -9.07 10.95 10.59
C GLN A 37 -10.42 10.41 10.22
N HIS A 38 -11.52 10.65 10.92
CA HIS A 38 -12.73 9.99 10.48
C HIS A 38 -13.48 10.79 9.40
N LEU A 39 -13.04 12.04 9.04
CA LEU A 39 -13.46 12.64 7.83
C LEU A 39 -12.70 12.02 6.58
N VAL A 40 -11.41 11.69 6.77
CA VAL A 40 -10.67 11.03 5.68
C VAL A 40 -11.11 9.67 5.39
N GLU A 41 -11.58 8.91 6.42
CA GLU A 41 -12.13 7.53 6.33
C GLU A 41 -13.33 7.49 5.38
N VAL A 42 -14.32 8.43 5.55
CA VAL A 42 -15.59 8.50 4.76
C VAL A 42 -15.33 9.11 3.40
N ARG A 43 -14.42 10.07 3.33
CA ARG A 43 -13.97 10.68 2.10
C ARG A 43 -13.21 9.83 1.09
N SER A 44 -12.21 8.93 1.53
CA SER A 44 -11.22 8.35 0.67
C SER A 44 -11.69 7.46 -0.35
N MET A 45 -12.71 6.68 -0.02
CA MET A 45 -13.26 5.65 -0.88
C MET A 45 -13.51 6.02 -2.34
N ALA A 46 -12.97 5.18 -3.30
CA ALA A 46 -13.32 5.32 -4.70
C ALA A 46 -14.67 4.86 -5.08
N ASN A 47 -14.95 3.63 -4.57
CA ASN A 47 -16.30 3.02 -4.76
C ASN A 47 -16.78 2.80 -3.39
N PRO A 48 -17.87 3.49 -2.90
CA PRO A 48 -18.31 3.42 -1.55
C PRO A 48 -19.22 2.25 -1.45
N PRO A 49 -19.30 1.58 -0.27
CA PRO A 49 -20.45 0.75 0.12
C PRO A 49 -21.75 1.60 -0.02
N ALA A 50 -22.90 1.02 -0.49
CA ALA A 50 -24.12 1.70 -0.75
C ALA A 50 -24.81 2.47 0.44
N ALA A 51 -24.70 1.97 1.68
CA ALA A 51 -25.19 2.62 2.89
C ALA A 51 -24.36 3.90 3.20
N VAL A 52 -23.08 3.86 2.87
CA VAL A 52 -22.21 5.05 3.01
C VAL A 52 -22.58 6.21 2.07
N LYS A 53 -22.96 5.80 0.89
CA LYS A 53 -23.38 6.71 -0.13
C LYS A 53 -24.70 7.39 0.25
N LEU A 54 -25.67 6.53 0.66
CA LEU A 54 -26.96 6.93 1.25
C LEU A 54 -26.92 7.78 2.51
N ALA A 55 -26.02 7.46 3.44
CA ALA A 55 -25.85 8.44 4.48
C ALA A 55 -25.16 9.80 4.04
N LEU A 56 -24.14 9.82 3.15
CA LEU A 56 -23.47 11.01 2.62
C LEU A 56 -24.26 11.80 1.69
N GLU A 57 -25.03 11.26 0.76
CA GLU A 57 -26.06 11.97 0.02
C GLU A 57 -27.11 12.53 1.03
N SER A 58 -27.71 11.70 1.98
CA SER A 58 -28.66 12.29 3.03
C SER A 58 -28.24 13.52 3.71
N ILE A 59 -27.03 13.49 4.31
CA ILE A 59 -26.61 14.71 4.99
C ILE A 59 -26.36 15.82 4.08
N CYS A 60 -25.77 15.63 2.87
CA CYS A 60 -25.52 16.65 1.90
C CYS A 60 -26.80 17.39 1.36
N LEU A 61 -27.84 16.64 0.92
CA LEU A 61 -29.10 17.10 0.59
C LEU A 61 -29.88 17.86 1.71
N LEU A 62 -29.90 17.30 2.98
CA LEU A 62 -30.36 18.06 4.14
C LEU A 62 -29.67 19.38 4.32
N LEU A 63 -28.31 19.30 4.30
CA LEU A 63 -27.50 20.39 4.86
C LEU A 63 -27.41 21.61 3.99
N GLY A 64 -27.17 21.47 2.63
CA GLY A 64 -27.06 22.66 1.85
C GLY A 64 -26.90 22.49 0.39
N GLU A 65 -26.54 21.25 -0.10
CA GLU A 65 -26.16 21.00 -1.39
C GLU A 65 -27.24 20.21 -2.20
N SER A 66 -27.30 20.41 -3.57
CA SER A 66 -28.17 19.76 -4.56
C SER A 66 -27.45 18.58 -5.32
N THR A 67 -26.36 18.07 -4.84
CA THR A 67 -25.45 17.16 -5.55
C THR A 67 -25.72 15.72 -5.11
N THR A 68 -26.00 14.80 -6.08
CA THR A 68 -26.02 13.32 -5.75
C THR A 68 -24.73 12.59 -6.06
N ASP A 69 -23.74 13.31 -6.51
CA ASP A 69 -22.59 12.80 -7.22
C ASP A 69 -21.45 12.56 -6.22
N TRP A 70 -21.00 11.27 -6.11
CA TRP A 70 -20.02 10.75 -5.18
C TRP A 70 -18.70 11.54 -5.12
N LYS A 71 -18.28 12.06 -6.26
CA LYS A 71 -17.20 12.92 -6.45
C LYS A 71 -17.40 14.31 -5.82
N GLN A 72 -18.61 14.90 -6.00
CA GLN A 72 -18.88 16.13 -5.31
C GLN A 72 -19.30 16.02 -3.85
N ILE A 73 -20.14 15.04 -3.40
CA ILE A 73 -20.61 14.95 -1.98
C ILE A 73 -19.63 14.56 -0.95
N ARG A 74 -18.64 13.78 -1.30
CA ARG A 74 -17.71 13.42 -0.27
C ARG A 74 -16.83 14.56 0.27
N SER A 75 -16.66 15.71 -0.40
CA SER A 75 -15.63 16.69 0.14
C SER A 75 -16.24 17.74 1.11
N ILE A 76 -17.56 17.81 1.22
CA ILE A 76 -18.31 18.85 1.90
C ILE A 76 -18.05 18.96 3.40
N ILE A 77 -17.50 17.86 3.90
CA ILE A 77 -17.14 17.69 5.30
C ILE A 77 -15.82 18.29 5.63
N MET A 78 -14.98 18.61 4.63
CA MET A 78 -13.77 19.33 4.67
C MET A 78 -13.92 20.81 4.29
N ARG A 79 -15.15 21.31 4.11
CA ARG A 79 -15.35 22.78 4.00
C ARG A 79 -14.98 23.45 5.32
N GLU A 80 -14.52 24.71 5.26
CA GLU A 80 -14.12 25.36 6.54
C GLU A 80 -15.35 25.89 7.28
N ASN A 81 -16.57 26.01 6.55
CA ASN A 81 -17.88 26.54 7.02
C ASN A 81 -18.93 25.37 7.33
N PHE A 82 -18.50 24.09 7.37
CA PHE A 82 -19.43 22.92 7.64
C PHE A 82 -20.04 23.11 9.05
N ILE A 83 -19.20 23.40 10.02
CA ILE A 83 -19.77 23.46 11.42
C ILE A 83 -20.43 24.80 11.75
N PRO A 84 -19.92 25.94 11.38
CA PRO A 84 -20.75 27.09 11.18
C PRO A 84 -22.18 26.95 10.55
N THR A 85 -22.39 26.09 9.52
CA THR A 85 -23.68 25.82 8.90
C THR A 85 -24.54 24.99 9.78
N ILE A 86 -24.00 24.00 10.51
CA ILE A 86 -24.67 23.10 11.35
C ILE A 86 -25.04 23.84 12.72
N VAL A 87 -24.16 24.58 13.34
CA VAL A 87 -24.40 25.45 14.50
C VAL A 87 -25.34 26.50 14.19
N ASN A 88 -25.36 27.06 12.98
CA ASN A 88 -26.29 28.10 12.51
C ASN A 88 -27.24 27.61 11.51
N PHE A 89 -27.66 26.30 11.63
CA PHE A 89 -28.76 25.78 10.96
C PHE A 89 -30.12 26.41 11.34
N SER A 90 -31.04 26.66 10.34
CA SER A 90 -32.42 27.07 10.61
C SER A 90 -33.26 25.97 10.13
N ALA A 91 -33.83 25.12 11.01
CA ALA A 91 -34.72 24.07 10.51
C ALA A 91 -36.14 24.36 10.01
N GLU A 92 -36.48 25.65 10.13
CA GLU A 92 -37.73 26.23 9.78
C GLU A 92 -37.82 26.61 8.30
N GLU A 93 -36.65 26.92 7.71
CA GLU A 93 -36.50 27.54 6.37
C GLU A 93 -36.72 26.49 5.26
N ILE A 94 -36.32 25.23 5.54
CA ILE A 94 -36.62 23.98 4.80
C ILE A 94 -38.05 23.76 4.42
N SER A 95 -38.35 23.69 3.08
CA SER A 95 -39.75 23.89 2.56
C SER A 95 -40.55 22.56 2.54
N ASP A 96 -41.87 22.62 2.66
CA ASP A 96 -42.67 21.51 3.15
C ASP A 96 -42.75 20.28 2.20
N ALA A 97 -42.77 20.53 0.84
CA ALA A 97 -42.83 19.48 -0.17
C ALA A 97 -41.56 18.81 -0.23
N ILE A 98 -40.51 19.58 0.05
CA ILE A 98 -39.12 19.08 -0.03
C ILE A 98 -38.90 18.14 1.18
N ARG A 99 -39.37 18.45 2.42
CA ARG A 99 -39.26 17.67 3.66
C ARG A 99 -39.77 16.35 3.56
N GLU A 100 -40.97 16.22 3.03
CA GLU A 100 -41.61 14.99 2.81
C GLU A 100 -40.94 14.13 1.71
N LYS A 101 -40.40 14.83 0.67
CA LYS A 101 -39.46 14.10 -0.32
C LYS A 101 -38.19 13.58 0.38
N MET A 102 -37.55 14.32 1.29
CA MET A 102 -36.40 13.80 2.03
C MET A 102 -36.78 12.57 2.91
N LYS A 103 -37.90 12.56 3.59
CA LYS A 103 -38.30 11.44 4.43
C LYS A 103 -38.57 10.21 3.53
N LYS A 104 -39.20 10.43 2.34
CA LYS A 104 -39.35 9.40 1.34
C LYS A 104 -38.07 8.74 0.76
N ASN A 105 -37.06 9.56 0.44
CA ASN A 105 -35.85 9.03 -0.07
C ASN A 105 -34.99 8.33 1.04
N TYR A 106 -34.84 9.03 2.21
CA TYR A 106 -33.85 8.59 3.21
C TYR A 106 -34.59 7.99 4.34
N MET A 107 -35.50 8.76 5.00
CA MET A 107 -36.08 8.14 6.26
C MET A 107 -36.74 6.74 6.21
N SER A 108 -37.54 6.61 5.14
CA SER A 108 -38.37 5.36 4.90
C SER A 108 -37.53 4.21 4.35
N ASN A 109 -36.36 4.60 3.77
CA ASN A 109 -35.56 3.68 3.02
C ASN A 109 -34.97 2.48 3.89
N PRO A 110 -34.99 1.23 3.42
CA PRO A 110 -34.38 0.10 4.03
C PRO A 110 -33.00 0.26 4.51
N SER A 111 -32.04 0.71 3.67
CA SER A 111 -30.63 0.73 4.02
C SER A 111 -30.20 2.08 4.66
N TYR A 112 -31.16 2.79 5.30
CA TYR A 112 -30.81 4.05 5.96
C TYR A 112 -31.03 3.89 7.45
N ASN A 113 -31.53 2.66 7.86
CA ASN A 113 -31.69 2.29 9.28
C ASN A 113 -30.43 2.34 10.07
N TYR A 114 -30.42 2.79 11.31
CA TYR A 114 -29.24 3.23 12.02
C TYR A 114 -28.29 2.14 12.33
N GLU A 115 -28.88 0.98 12.59
CA GLU A 115 -28.09 -0.21 12.78
C GLU A 115 -27.34 -0.64 11.47
N ILE A 116 -27.99 -0.51 10.27
CA ILE A 116 -27.41 -0.94 8.94
C ILE A 116 -26.33 -0.07 8.41
N VAL A 117 -26.54 1.23 8.59
CA VAL A 117 -25.48 2.20 8.41
C VAL A 117 -24.23 2.12 9.45
N ASN A 118 -24.39 2.00 10.74
CA ASN A 118 -23.20 1.84 11.67
C ASN A 118 -22.39 0.55 11.57
N ARG A 119 -23.08 -0.50 11.10
CA ARG A 119 -22.56 -1.78 10.60
C ARG A 119 -21.66 -1.59 9.39
N ALA A 120 -22.10 -0.72 8.45
CA ALA A 120 -21.34 -0.35 7.27
C ALA A 120 -20.12 0.52 7.54
N SER A 121 -20.34 1.47 8.45
CA SER A 121 -19.37 2.48 8.83
C SER A 121 -19.67 3.23 10.06
N LEU A 122 -18.89 3.05 11.14
CA LEU A 122 -19.16 3.88 12.33
C LEU A 122 -18.75 5.28 12.06
N ALA A 123 -17.82 5.55 11.12
CA ALA A 123 -17.36 6.88 10.75
C ALA A 123 -18.46 7.65 10.01
N CYS A 124 -19.37 6.98 9.29
CA CYS A 124 -20.69 7.52 8.83
C CYS A 124 -21.69 7.79 9.97
N GLY A 125 -21.50 7.09 11.15
CA GLY A 125 -22.37 7.09 12.29
C GLY A 125 -22.74 8.49 12.77
N PRO A 126 -21.82 9.39 13.20
CA PRO A 126 -22.10 10.73 13.65
C PRO A 126 -22.87 11.60 12.67
N MET A 127 -22.58 11.42 11.39
CA MET A 127 -23.12 12.16 10.31
C MET A 127 -24.51 11.74 10.00
N VAL A 128 -24.74 10.34 9.98
CA VAL A 128 -26.16 9.86 9.89
C VAL A 128 -26.99 10.27 11.07
N LYS A 129 -26.40 10.34 12.32
CA LYS A 129 -27.16 10.60 13.53
C LYS A 129 -27.68 12.02 13.54
N TRP A 130 -26.91 13.00 13.08
CA TRP A 130 -27.44 14.37 12.85
C TRP A 130 -28.48 14.40 11.75
N ALA A 131 -28.29 13.55 10.71
CA ALA A 131 -29.19 13.72 9.52
C ALA A 131 -30.62 13.32 9.83
N ILE A 132 -30.76 12.18 10.64
CA ILE A 132 -31.96 11.59 11.23
C ILE A 132 -32.58 12.61 12.17
N ALA A 133 -31.75 13.12 13.12
CA ALA A 133 -32.39 13.91 14.29
C ALA A 133 -32.93 15.24 13.71
N GLN A 134 -32.10 15.83 12.90
CA GLN A 134 -32.53 17.07 12.28
C GLN A 134 -33.71 16.98 11.40
N LEU A 135 -33.79 15.95 10.56
CA LEU A 135 -34.80 15.94 9.55
C LEU A 135 -36.19 15.67 10.31
N ASN A 136 -36.14 14.78 11.37
CA ASN A 136 -37.19 14.51 12.35
C ASN A 136 -37.61 15.69 13.18
N TYR A 137 -36.66 16.61 13.54
CA TYR A 137 -36.88 17.85 14.30
C TYR A 137 -37.58 18.92 13.47
N ALA A 138 -37.26 19.06 12.14
CA ALA A 138 -37.95 19.92 11.26
C ALA A 138 -39.40 19.44 11.09
N ASP A 139 -39.63 18.13 10.89
CA ASP A 139 -40.90 17.51 10.94
C ASP A 139 -41.73 17.68 12.20
N MET A 140 -41.10 17.48 13.34
CA MET A 140 -41.91 17.76 14.61
C MET A 140 -42.13 19.29 14.84
N LEU A 141 -41.17 20.23 14.50
CA LEU A 141 -41.29 21.66 14.67
C LEU A 141 -42.33 22.26 13.80
N LYS A 142 -42.34 21.81 12.48
CA LYS A 142 -43.42 22.19 11.56
C LYS A 142 -44.80 21.70 11.96
N ARG A 143 -44.93 20.47 12.59
CA ARG A 143 -46.13 19.82 13.09
C ARG A 143 -46.71 20.54 14.29
N VAL A 144 -45.91 21.14 15.15
CA VAL A 144 -46.36 21.94 16.28
C VAL A 144 -46.55 23.48 15.91
N GLU A 145 -46.14 23.80 14.69
CA GLU A 145 -46.17 25.09 14.11
C GLU A 145 -47.55 25.84 14.12
N PRO A 146 -48.68 25.25 13.75
CA PRO A 146 -50.03 25.84 13.78
C PRO A 146 -50.37 26.21 15.19
N LEU A 147 -50.01 25.40 16.23
CA LEU A 147 -50.22 25.71 17.64
C LEU A 147 -49.13 26.66 18.25
N ARG A 148 -47.92 26.57 17.67
CA ARG A 148 -46.86 27.56 17.98
C ARG A 148 -47.17 29.02 17.50
N ASN A 149 -47.81 29.10 16.33
CA ASN A 149 -48.20 30.40 15.89
C ASN A 149 -49.46 30.97 16.61
N GLU A 150 -50.37 30.06 16.97
CA GLU A 150 -51.50 30.41 17.80
C GLU A 150 -51.24 30.85 19.20
N LEU A 151 -50.18 30.25 19.75
CA LEU A 151 -49.46 30.75 20.93
C LEU A 151 -48.89 32.17 20.78
N GLN A 152 -48.16 32.41 19.61
CA GLN A 152 -47.62 33.75 19.56
C GLN A 152 -48.66 34.87 19.27
N LYS A 153 -49.76 34.61 18.67
CA LYS A 153 -51.05 35.34 18.59
C LYS A 153 -51.72 35.49 19.91
N LEU A 154 -51.80 34.42 20.76
CA LEU A 154 -52.40 34.50 22.07
C LEU A 154 -51.52 35.37 22.98
N GLU A 155 -50.25 35.24 22.94
CA GLU A 155 -49.27 36.00 23.76
C GLU A 155 -49.40 37.51 23.50
N ASP A 156 -49.50 37.88 22.17
CA ASP A 156 -49.75 39.21 21.64
C ASP A 156 -51.07 39.81 22.10
N ASP A 157 -52.23 39.01 22.03
CA ASP A 157 -53.57 39.34 22.63
C ASP A 157 -53.48 39.53 24.19
N ALA A 158 -52.73 38.62 24.89
CA ALA A 158 -52.52 38.61 26.33
C ALA A 158 -51.72 39.75 26.93
N LYS A 159 -50.68 40.21 26.22
CA LYS A 159 -50.04 41.48 26.46
C LYS A 159 -50.99 42.70 26.21
N ASP A 160 -51.84 42.65 25.18
CA ASP A 160 -52.60 43.82 24.78
C ASP A 160 -53.82 44.07 25.62
N ASN A 161 -54.48 43.02 26.04
CA ASN A 161 -55.42 42.99 27.09
C ASN A 161 -54.93 43.36 28.52
N GLN A 162 -53.72 42.97 28.96
CA GLN A 162 -52.97 43.55 30.03
C GLN A 162 -52.67 45.10 29.90
N GLN A 163 -52.24 45.67 28.72
CA GLN A 163 -52.00 47.13 28.57
C GLN A 163 -53.31 47.90 28.50
N LYS A 164 -54.50 47.31 28.18
CA LYS A 164 -55.81 47.96 28.11
C LYS A 164 -56.24 48.72 29.33
N MET B 1 -5.40 -35.98 -18.98
CA MET B 1 -4.53 -36.32 -20.18
C MET B 1 -4.46 -35.12 -21.15
N ARG B 2 -3.32 -34.39 -21.42
CA ARG B 2 -2.03 -34.47 -20.71
C ARG B 2 -2.08 -33.88 -19.31
N GLU B 3 -1.57 -32.70 -19.10
CA GLU B 3 -1.82 -31.80 -17.98
C GLU B 3 -3.02 -30.98 -18.50
N CYS B 4 -3.12 -29.73 -18.11
CA CYS B 4 -4.31 -28.92 -18.36
C CYS B 4 -3.93 -27.41 -18.16
N ILE B 5 -4.69 -26.49 -18.72
CA ILE B 5 -4.56 -25.03 -18.65
C ILE B 5 -4.08 -24.37 -17.34
N SER B 6 -3.21 -23.40 -17.39
CA SER B 6 -2.66 -22.82 -16.15
C SER B 6 -2.78 -21.29 -16.20
N ILE B 7 -3.22 -20.65 -15.14
CA ILE B 7 -3.56 -19.21 -15.04
C ILE B 7 -2.55 -18.58 -14.06
N HIS B 8 -1.83 -17.55 -14.51
CA HIS B 8 -0.75 -16.99 -13.72
C HIS B 8 -1.01 -15.52 -13.53
N VAL B 9 -1.35 -15.21 -12.30
CA VAL B 9 -1.72 -13.91 -11.75
C VAL B 9 -0.77 -13.61 -10.59
N GLY B 10 -0.22 -12.42 -10.59
CA GLY B 10 0.70 -11.89 -9.57
C GLY B 10 2.07 -12.11 -9.92
N GLN B 11 2.97 -11.36 -9.34
CA GLN B 11 4.32 -11.46 -9.83
C GLN B 11 5.05 -12.72 -9.41
N ALA B 12 4.68 -13.28 -8.24
CA ALA B 12 5.27 -14.55 -7.76
C ALA B 12 4.79 -15.67 -8.72
N GLY B 13 3.47 -15.70 -9.10
CA GLY B 13 2.70 -16.69 -9.86
C GLY B 13 3.22 -16.65 -11.24
N VAL B 14 3.63 -15.53 -11.87
CA VAL B 14 4.34 -15.54 -13.17
C VAL B 14 5.76 -16.11 -13.07
N GLN B 15 6.61 -15.77 -12.08
CA GLN B 15 8.01 -16.26 -11.97
C GLN B 15 8.16 -17.69 -11.59
N ILE B 16 7.22 -18.21 -10.77
CA ILE B 16 7.00 -19.60 -10.55
C ILE B 16 6.65 -20.34 -11.82
N GLY B 17 5.69 -19.75 -12.63
CA GLY B 17 5.23 -20.25 -13.91
C GLY B 17 6.26 -20.28 -14.98
N ASN B 18 7.20 -19.25 -15.08
CA ASN B 18 8.36 -19.19 -15.93
C ASN B 18 9.37 -20.26 -15.47
N ALA B 19 9.52 -20.49 -14.13
CA ALA B 19 10.44 -21.49 -13.69
C ALA B 19 10.09 -22.93 -14.08
N CYS B 20 8.84 -23.19 -13.97
CA CYS B 20 8.14 -24.39 -14.40
C CYS B 20 8.19 -24.56 -15.94
N TRP B 21 7.95 -23.43 -16.70
CA TRP B 21 8.12 -23.49 -18.14
C TRP B 21 9.54 -23.84 -18.64
N GLU B 22 10.61 -23.20 -18.05
CA GLU B 22 11.96 -23.56 -18.30
C GLU B 22 12.26 -25.06 -18.03
N LEU B 23 11.58 -25.63 -16.97
CA LEU B 23 11.77 -27.05 -16.63
C LEU B 23 11.20 -27.93 -17.72
N TYR B 24 10.04 -27.63 -18.21
CA TYR B 24 9.43 -28.36 -19.28
C TYR B 24 10.23 -28.17 -20.65
N CYS B 25 10.63 -26.96 -20.97
CA CYS B 25 11.41 -26.52 -22.12
C CYS B 25 12.83 -27.19 -22.16
N LEU B 26 13.54 -27.15 -21.03
CA LEU B 26 14.93 -27.71 -20.80
C LEU B 26 15.09 -29.22 -21.02
N GLU B 27 14.21 -30.08 -20.43
CA GLU B 27 14.17 -31.51 -20.67
C GLU B 27 13.75 -31.84 -22.14
N HIS B 28 12.91 -30.96 -22.74
CA HIS B 28 12.45 -31.13 -24.06
C HIS B 28 13.54 -30.88 -25.13
N GLY B 29 14.36 -29.84 -24.93
CA GLY B 29 15.39 -29.32 -25.87
C GLY B 29 14.81 -28.43 -26.91
N ILE B 30 13.67 -27.71 -26.61
CA ILE B 30 12.86 -27.03 -27.55
C ILE B 30 13.60 -25.87 -28.24
N GLN B 31 13.46 -25.81 -29.58
CA GLN B 31 13.89 -24.64 -30.32
C GLN B 31 12.96 -23.38 -30.17
N PRO B 32 13.57 -22.16 -30.06
CA PRO B 32 12.93 -20.89 -29.89
C PRO B 32 11.92 -20.53 -30.95
N ASP B 33 12.09 -20.94 -32.25
CA ASP B 33 11.12 -20.88 -33.32
C ASP B 33 11.37 -22.13 -34.05
N GLY B 34 10.45 -22.60 -34.88
CA GLY B 34 10.64 -23.76 -35.76
C GLY B 34 9.50 -24.80 -35.74
N GLN B 35 9.72 -26.03 -36.29
CA GLN B 35 10.97 -26.60 -36.82
C GLN B 35 11.94 -27.02 -35.69
N MET B 36 12.09 -28.32 -35.46
CA MET B 36 12.75 -28.86 -34.26
C MET B 36 13.48 -30.18 -34.57
N PRO B 37 14.66 -30.49 -34.09
CA PRO B 37 15.27 -31.63 -34.68
C PRO B 37 15.27 -32.80 -33.74
N SER B 38 14.17 -33.54 -33.58
CA SER B 38 14.18 -34.75 -32.91
C SER B 38 13.00 -35.50 -33.41
N ASP B 39 13.00 -36.86 -33.25
CA ASP B 39 11.80 -37.73 -33.61
C ASP B 39 11.52 -38.51 -32.33
N LYS B 40 10.83 -37.96 -31.27
CA LYS B 40 10.34 -36.57 -31.20
C LYS B 40 10.67 -35.77 -29.91
N THR B 41 10.98 -36.49 -28.76
CA THR B 41 11.34 -36.02 -27.35
C THR B 41 10.11 -35.50 -26.71
N ILE B 42 9.72 -35.98 -25.55
CA ILE B 42 8.70 -35.53 -24.61
C ILE B 42 9.17 -34.42 -23.66
N GLY B 43 8.27 -33.43 -23.36
CA GLY B 43 8.64 -32.28 -22.56
C GLY B 43 7.47 -31.23 -22.42
N GLY B 44 6.54 -31.13 -23.38
CA GLY B 44 5.40 -30.22 -23.35
C GLY B 44 4.79 -30.03 -24.77
N GLY B 45 4.09 -31.05 -25.40
CA GLY B 45 3.71 -32.28 -24.87
C GLY B 45 4.57 -33.36 -25.60
N ASP B 46 3.94 -34.29 -26.35
CA ASP B 46 4.63 -35.49 -26.78
C ASP B 46 4.90 -35.35 -28.30
N ASP B 47 4.67 -34.10 -28.81
CA ASP B 47 5.10 -33.50 -30.00
C ASP B 47 5.85 -32.25 -29.58
N SER B 48 6.71 -31.80 -30.56
CA SER B 48 7.60 -30.73 -30.30
C SER B 48 7.83 -29.97 -31.60
N PHE B 49 7.05 -30.23 -32.64
CA PHE B 49 7.03 -29.49 -33.90
C PHE B 49 5.62 -29.29 -34.53
N ASN B 50 5.22 -28.14 -34.97
CA ASN B 50 5.80 -26.81 -34.75
C ASN B 50 5.86 -26.37 -33.33
N THR B 51 6.87 -25.68 -32.87
CA THR B 51 7.13 -25.49 -31.44
C THR B 51 6.07 -24.53 -30.87
N PHE B 52 5.51 -24.71 -29.68
CA PHE B 52 5.84 -25.62 -28.59
C PHE B 52 5.35 -27.04 -28.98
N PHE B 53 4.16 -27.10 -29.61
CA PHE B 53 3.19 -28.20 -29.84
C PHE B 53 2.76 -28.94 -28.58
N SER B 54 2.20 -28.09 -27.74
CA SER B 54 1.80 -28.22 -26.33
C SER B 54 0.41 -28.61 -26.27
N GLU B 55 -0.12 -29.50 -27.12
CA GLU B 55 -1.45 -29.96 -27.18
C GLU B 55 -2.33 -28.99 -27.93
N THR B 56 -2.16 -27.72 -27.57
CA THR B 56 -2.49 -26.43 -28.35
C THR B 56 -1.36 -26.21 -29.29
N GLY B 57 -1.60 -25.77 -30.51
CA GLY B 57 -0.62 -25.55 -31.55
C GLY B 57 -1.13 -24.61 -32.55
N ALA B 58 -0.32 -24.45 -33.63
CA ALA B 58 -0.59 -23.76 -34.83
C ALA B 58 -0.78 -22.24 -34.74
N GLY B 59 -1.11 -21.66 -35.91
CA GLY B 59 -0.94 -20.24 -36.19
C GLY B 59 0.36 -19.60 -35.88
N LYS B 60 0.38 -18.93 -34.79
CA LYS B 60 1.57 -18.13 -34.33
C LYS B 60 1.95 -18.51 -32.90
N HIS B 61 1.52 -19.76 -32.68
CA HIS B 61 1.44 -20.65 -31.59
C HIS B 61 0.57 -20.15 -30.52
N VAL B 62 -0.35 -21.03 -30.29
CA VAL B 62 -1.46 -20.87 -29.35
C VAL B 62 -1.02 -21.34 -28.00
N PRO B 63 -1.05 -20.59 -26.92
CA PRO B 63 -0.32 -21.06 -25.72
C PRO B 63 -1.13 -21.96 -24.82
N ARG B 64 -0.43 -22.67 -23.92
CA ARG B 64 -1.04 -23.59 -22.93
C ARG B 64 -1.00 -22.96 -21.50
N ALA B 65 -0.69 -21.64 -21.33
CA ALA B 65 -0.94 -20.97 -20.06
C ALA B 65 -1.21 -19.46 -20.35
N VAL B 66 -1.52 -18.64 -19.28
CA VAL B 66 -1.69 -17.19 -19.47
C VAL B 66 -0.85 -16.46 -18.44
N PHE B 67 0.02 -15.57 -18.79
CA PHE B 67 0.83 -14.78 -17.81
C PHE B 67 0.33 -13.33 -17.87
N VAL B 68 0.20 -12.63 -16.77
CA VAL B 68 -0.37 -11.35 -16.65
C VAL B 68 0.53 -10.64 -15.80
N ASP B 69 1.10 -9.47 -16.27
CA ASP B 69 2.17 -8.87 -15.43
C ASP B 69 2.24 -7.30 -15.54
N LEU B 70 2.96 -6.64 -14.59
CA LEU B 70 3.00 -5.20 -14.47
C LEU B 70 4.07 -4.63 -15.44
N GLU B 71 5.09 -5.42 -15.82
CA GLU B 71 6.28 -4.82 -16.53
C GLU B 71 6.51 -5.53 -17.82
N PRO B 72 7.00 -4.73 -18.84
CA PRO B 72 7.27 -5.36 -20.18
C PRO B 72 8.44 -6.27 -20.15
N THR B 73 9.40 -6.13 -19.12
CA THR B 73 10.63 -6.99 -18.92
C THR B 73 10.50 -8.43 -19.23
N VAL B 74 9.42 -9.21 -18.76
CA VAL B 74 9.12 -10.60 -19.13
C VAL B 74 8.67 -10.79 -20.55
N ILE B 75 7.86 -9.85 -21.08
CA ILE B 75 7.48 -10.00 -22.51
C ILE B 75 8.71 -9.75 -23.37
N ASP B 76 9.59 -8.82 -23.01
CA ASP B 76 10.84 -8.56 -23.69
C ASP B 76 11.77 -9.77 -23.64
N GLU B 77 11.90 -10.49 -22.53
CA GLU B 77 12.63 -11.60 -22.21
C GLU B 77 12.27 -12.86 -23.05
N VAL B 78 10.93 -13.20 -23.14
CA VAL B 78 10.40 -14.10 -24.13
C VAL B 78 10.43 -13.71 -25.57
N ARG B 79 10.22 -12.42 -25.93
CA ARG B 79 10.19 -11.98 -27.37
C ARG B 79 11.56 -12.01 -27.93
N THR B 80 12.63 -11.62 -27.14
CA THR B 80 14.03 -11.57 -27.60
C THR B 80 14.73 -12.93 -27.60
N GLY B 81 14.57 -13.73 -26.55
CA GLY B 81 15.22 -15.04 -26.59
C GLY B 81 14.41 -16.23 -26.87
N THR B 82 14.54 -17.29 -26.03
CA THR B 82 13.76 -18.47 -26.25
C THR B 82 12.48 -18.36 -25.48
N TYR B 83 11.54 -19.18 -25.95
CA TYR B 83 10.07 -19.29 -25.66
C TYR B 83 9.21 -18.46 -26.60
N ARG B 84 9.87 -17.70 -27.48
CA ARG B 84 9.25 -16.75 -28.43
C ARG B 84 8.15 -17.19 -29.31
N GLN B 85 8.19 -18.37 -29.93
CA GLN B 85 7.07 -19.00 -30.65
C GLN B 85 6.16 -19.88 -29.77
N LEU B 86 6.55 -20.04 -28.48
CA LEU B 86 5.82 -20.91 -27.52
C LEU B 86 4.73 -20.22 -26.84
N PHE B 87 4.53 -18.95 -27.19
CA PHE B 87 3.48 -18.08 -26.71
C PHE B 87 2.98 -17.30 -27.85
N HIS B 88 1.87 -16.58 -27.67
CA HIS B 88 1.21 -15.65 -28.63
C HIS B 88 1.29 -14.20 -28.05
N PRO B 89 1.73 -13.15 -28.75
CA PRO B 89 1.85 -11.74 -28.24
C PRO B 89 0.58 -11.11 -27.60
N GLU B 90 -0.62 -11.44 -28.14
CA GLU B 90 -1.85 -11.01 -27.56
C GLU B 90 -2.34 -11.77 -26.27
N GLN B 91 -1.83 -12.95 -25.94
CA GLN B 91 -1.99 -13.64 -24.65
C GLN B 91 -0.74 -13.71 -23.76
N LEU B 92 0.39 -13.08 -24.20
CA LEU B 92 1.40 -12.59 -23.27
C LEU B 92 0.94 -11.22 -22.72
N ILE B 93 0.44 -11.03 -21.46
CA ILE B 93 -0.36 -9.85 -21.11
C ILE B 93 0.51 -8.91 -20.25
N THR B 94 0.48 -7.60 -20.50
CA THR B 94 1.28 -6.65 -19.75
C THR B 94 0.54 -5.35 -19.52
N GLY B 95 0.43 -4.88 -18.26
CA GLY B 95 -0.28 -3.70 -17.77
C GLY B 95 0.47 -2.77 -16.90
N LYS B 96 0.03 -2.43 -15.69
CA LYS B 96 0.59 -1.49 -14.79
C LYS B 96 0.06 -1.82 -13.41
N GLU B 97 0.69 -1.23 -12.47
CA GLU B 97 0.42 -1.30 -11.11
C GLU B 97 0.12 0.03 -10.52
N ASP B 98 -0.66 0.07 -9.40
CA ASP B 98 -0.79 1.22 -8.54
C ASP B 98 -0.99 0.90 -7.06
N ALA B 99 -1.09 -0.38 -6.78
CA ALA B 99 -0.61 -0.96 -5.49
C ALA B 99 -1.36 -0.45 -4.15
N ALA B 100 -1.74 -1.35 -3.23
CA ALA B 100 -2.27 -0.90 -1.93
C ALA B 100 -2.24 -1.82 -0.62
N ASN B 101 -1.95 -3.13 -0.66
CA ASN B 101 -2.07 -4.06 0.42
C ASN B 101 -3.50 -4.00 1.19
N ASN B 102 -4.59 -3.92 0.42
CA ASN B 102 -5.91 -3.72 0.93
C ASN B 102 -6.87 -4.56 0.07
N TYR B 103 -7.88 -5.10 0.85
CA TYR B 103 -8.80 -6.09 0.25
C TYR B 103 -9.64 -5.34 -0.80
N ALA B 104 -10.12 -4.17 -0.45
CA ALA B 104 -11.03 -3.30 -1.16
C ALA B 104 -10.55 -2.71 -2.41
N ARG B 105 -9.21 -2.60 -2.35
CA ARG B 105 -8.48 -2.22 -3.61
C ARG B 105 -8.63 -3.21 -4.79
N GLY B 106 -8.43 -4.53 -4.67
CA GLY B 106 -8.62 -5.51 -5.78
C GLY B 106 -10.04 -5.83 -6.02
N HIS B 107 -10.87 -5.81 -4.97
CA HIS B 107 -12.31 -6.10 -5.04
C HIS B 107 -13.16 -5.05 -5.73
N TYR B 108 -12.72 -3.75 -5.60
CA TYR B 108 -13.50 -2.64 -6.08
C TYR B 108 -12.66 -1.78 -6.98
N THR B 109 -11.61 -1.20 -6.32
CA THR B 109 -10.96 -0.02 -6.89
C THR B 109 -10.28 -0.19 -8.17
N ILE B 110 -9.49 -1.26 -8.29
CA ILE B 110 -8.92 -1.52 -9.64
C ILE B 110 -9.76 -2.59 -10.26
N GLY B 111 -10.52 -3.32 -9.40
CA GLY B 111 -11.25 -4.49 -9.74
C GLY B 111 -12.38 -4.22 -10.64
N LYS B 112 -13.12 -3.08 -10.50
CA LYS B 112 -14.19 -2.66 -11.46
C LYS B 112 -13.47 -2.09 -12.67
N GLU B 113 -12.35 -1.28 -12.65
CA GLU B 113 -11.70 -0.89 -13.91
C GLU B 113 -11.11 -1.99 -14.77
N ILE B 114 -10.29 -2.94 -14.32
CA ILE B 114 -9.59 -3.78 -15.30
C ILE B 114 -10.30 -5.08 -15.65
N ILE B 115 -11.45 -5.28 -15.06
CA ILE B 115 -12.18 -6.51 -15.16
C ILE B 115 -12.62 -6.97 -16.57
N ASP B 116 -13.19 -6.05 -17.42
CA ASP B 116 -13.92 -6.48 -18.63
C ASP B 116 -12.93 -7.00 -19.69
N LEU B 117 -11.69 -6.53 -19.80
CA LEU B 117 -10.79 -6.99 -20.83
C LEU B 117 -10.29 -8.38 -20.44
N VAL B 118 -9.79 -8.55 -19.14
CA VAL B 118 -9.31 -9.85 -18.57
C VAL B 118 -10.47 -10.84 -18.52
N LEU B 119 -11.69 -10.38 -18.09
CA LEU B 119 -12.90 -11.24 -18.17
C LEU B 119 -13.15 -11.96 -19.45
N ASP B 120 -13.04 -11.25 -20.60
CA ASP B 120 -13.19 -11.68 -21.95
C ASP B 120 -12.20 -12.76 -22.32
N ARG B 121 -10.97 -12.79 -21.78
CA ARG B 121 -9.95 -13.83 -21.86
C ARG B 121 -10.33 -14.97 -20.92
N ILE B 122 -10.90 -14.64 -19.75
CA ILE B 122 -11.38 -15.75 -18.87
C ILE B 122 -12.50 -16.51 -19.43
N ARG B 123 -13.56 -15.75 -19.96
CA ARG B 123 -14.61 -16.38 -20.71
C ARG B 123 -14.12 -17.22 -21.87
N LYS B 124 -13.11 -16.78 -22.74
CA LYS B 124 -12.55 -17.59 -23.81
C LYS B 124 -11.74 -18.79 -23.34
N LEU B 125 -10.98 -18.70 -22.21
CA LEU B 125 -10.17 -19.69 -21.56
C LEU B 125 -11.17 -20.76 -21.02
N ALA B 126 -12.36 -20.37 -20.45
CA ALA B 126 -13.33 -21.33 -20.09
C ALA B 126 -14.05 -22.04 -21.26
N ASP B 127 -14.25 -21.43 -22.40
CA ASP B 127 -14.52 -22.05 -23.67
C ASP B 127 -13.52 -23.07 -24.26
N GLN B 128 -12.22 -22.75 -24.12
CA GLN B 128 -11.19 -23.62 -24.61
C GLN B 128 -10.37 -24.20 -23.45
N CYS B 129 -10.98 -24.90 -22.46
CA CYS B 129 -10.37 -25.43 -21.27
C CYS B 129 -9.55 -26.71 -21.62
N THR B 130 -8.52 -26.59 -22.52
CA THR B 130 -7.60 -27.69 -22.96
C THR B 130 -7.05 -28.45 -21.83
N GLY B 131 -7.10 -29.79 -22.09
CA GLY B 131 -6.89 -30.93 -21.22
C GLY B 131 -8.11 -31.42 -20.57
N LEU B 132 -9.21 -30.68 -20.69
CA LEU B 132 -10.51 -31.00 -20.23
C LEU B 132 -10.59 -30.70 -18.70
N GLN B 133 -9.67 -31.19 -17.89
CA GLN B 133 -9.82 -31.26 -16.43
C GLN B 133 -10.34 -30.04 -15.64
N GLY B 134 -9.70 -28.86 -15.59
CA GLY B 134 -10.08 -27.74 -14.63
C GLY B 134 -9.18 -26.56 -14.71
N PHE B 135 -9.23 -25.64 -13.71
CA PHE B 135 -8.46 -24.40 -13.74
C PHE B 135 -7.21 -24.57 -12.77
N SER B 136 -5.92 -24.46 -13.25
CA SER B 136 -4.82 -24.35 -12.26
C SER B 136 -4.48 -22.91 -12.07
N VAL B 137 -4.87 -22.29 -10.97
CA VAL B 137 -4.64 -20.85 -10.73
C VAL B 137 -3.45 -20.57 -9.79
N PHE B 138 -2.51 -19.81 -10.23
CA PHE B 138 -1.30 -19.61 -9.44
C PHE B 138 -1.38 -18.20 -8.79
N HIS B 139 -1.56 -18.19 -7.45
CA HIS B 139 -1.80 -17.09 -6.53
C HIS B 139 -0.57 -16.56 -5.89
N SER B 140 -0.57 -15.28 -5.32
CA SER B 140 -1.46 -14.11 -5.42
C SER B 140 -2.67 -14.22 -4.48
N PHE B 141 -2.44 -14.18 -3.15
CA PHE B 141 -3.52 -14.30 -2.16
C PHE B 141 -3.33 -13.33 -0.92
N GLY B 142 -2.09 -12.92 -0.61
CA GLY B 142 -1.79 -12.14 0.57
C GLY B 142 -1.93 -10.61 0.45
N GLY B 143 -1.67 -9.98 -0.74
CA GLY B 143 -1.72 -8.59 -0.97
C GLY B 143 -3.09 -7.94 -1.17
N GLY B 144 -3.16 -6.78 -2.01
CA GLY B 144 -4.43 -6.15 -2.30
C GLY B 144 -5.05 -6.72 -3.54
N THR B 145 -4.21 -7.05 -4.57
CA THR B 145 -4.79 -7.83 -5.68
C THR B 145 -5.00 -9.30 -5.27
N GLY B 146 -4.03 -9.92 -4.58
CA GLY B 146 -4.08 -11.24 -3.95
C GLY B 146 -5.27 -11.49 -3.07
N SER B 147 -5.60 -10.45 -2.22
CA SER B 147 -6.76 -10.59 -1.32
C SER B 147 -8.04 -10.26 -2.04
N GLY B 148 -8.09 -9.12 -2.73
CA GLY B 148 -9.25 -8.48 -3.45
C GLY B 148 -9.69 -9.03 -4.77
N PHE B 149 -8.76 -9.11 -5.71
CA PHE B 149 -9.06 -9.64 -7.04
C PHE B 149 -9.35 -11.11 -7.09
N THR B 150 -8.62 -11.91 -6.31
CA THR B 150 -8.82 -13.34 -6.12
C THR B 150 -10.17 -13.68 -5.42
N SER B 151 -10.54 -12.84 -4.41
CA SER B 151 -11.84 -13.10 -3.81
C SER B 151 -12.98 -12.88 -4.82
N LEU B 152 -12.95 -11.78 -5.64
CA LEU B 152 -13.93 -11.59 -6.67
C LEU B 152 -13.88 -12.71 -7.75
N LEU B 153 -12.69 -13.08 -8.28
CA LEU B 153 -12.59 -14.14 -9.30
C LEU B 153 -13.04 -15.58 -8.81
N MET B 154 -12.65 -15.96 -7.54
CA MET B 154 -12.96 -17.22 -6.92
C MET B 154 -14.42 -17.49 -6.91
N GLU B 155 -15.24 -16.56 -6.44
CA GLU B 155 -16.72 -16.60 -6.54
C GLU B 155 -17.08 -16.66 -8.01
N ARG B 156 -16.67 -15.69 -8.88
CA ARG B 156 -17.12 -15.69 -10.27
C ARG B 156 -16.83 -17.02 -11.04
N LEU B 157 -15.67 -17.71 -10.85
CA LEU B 157 -15.27 -19.09 -11.29
C LEU B 157 -16.32 -20.16 -10.81
N SER B 158 -16.58 -20.08 -9.49
CA SER B 158 -17.39 -20.97 -8.73
C SER B 158 -18.87 -20.96 -8.99
N VAL B 159 -19.50 -19.78 -8.99
CA VAL B 159 -20.89 -19.65 -9.41
C VAL B 159 -21.15 -20.00 -10.90
N ASP B 160 -20.36 -19.49 -11.86
CA ASP B 160 -20.57 -19.73 -13.31
C ASP B 160 -20.08 -21.10 -13.76
N TYR B 161 -19.03 -21.74 -13.10
CA TYR B 161 -18.28 -22.81 -13.76
C TYR B 161 -17.88 -23.72 -12.66
N GLY B 162 -18.75 -23.97 -11.65
CA GLY B 162 -18.49 -24.74 -10.50
C GLY B 162 -18.46 -26.19 -10.72
N LYS B 163 -18.89 -26.68 -11.85
CA LYS B 163 -18.70 -28.04 -12.25
C LYS B 163 -17.26 -28.39 -12.52
N LYS B 164 -16.40 -27.50 -13.10
CA LYS B 164 -14.97 -27.61 -13.19
C LYS B 164 -14.22 -27.58 -11.81
N SER B 165 -13.23 -28.44 -11.55
CA SER B 165 -12.36 -28.30 -10.46
C SER B 165 -11.44 -27.16 -10.63
N LYS B 166 -11.17 -26.41 -9.49
CA LYS B 166 -10.40 -25.23 -9.33
C LYS B 166 -9.32 -25.62 -8.41
N LEU B 167 -8.07 -25.56 -8.98
CA LEU B 167 -6.93 -25.87 -8.19
C LEU B 167 -6.18 -24.57 -7.92
N GLU B 168 -5.88 -24.26 -6.62
CA GLU B 168 -5.25 -22.99 -6.33
C GLU B 168 -3.94 -23.25 -5.63
N PHE B 169 -2.79 -22.80 -6.17
CA PHE B 169 -1.54 -22.92 -5.49
C PHE B 169 -1.15 -21.64 -4.79
N SER B 170 -0.92 -21.61 -3.45
CA SER B 170 -0.96 -20.33 -2.66
C SER B 170 0.33 -20.16 -1.93
N ILE B 171 0.93 -19.02 -1.83
CA ILE B 171 2.11 -18.71 -1.11
C ILE B 171 1.76 -17.74 -0.03
N TYR B 172 1.92 -18.20 1.22
CA TYR B 172 1.33 -17.47 2.32
C TYR B 172 1.73 -18.06 3.67
N PRO B 173 2.22 -17.33 4.70
CA PRO B 173 2.65 -17.77 5.98
C PRO B 173 1.51 -18.06 6.91
N ALA B 174 1.72 -19.11 7.68
CA ALA B 174 0.77 -19.50 8.69
C ALA B 174 0.62 -18.37 9.77
N PRO B 175 -0.53 -18.18 10.27
CA PRO B 175 -0.85 -16.95 11.01
C PRO B 175 0.01 -16.73 12.18
N GLN B 176 0.38 -15.44 12.40
CA GLN B 176 1.23 -14.83 13.38
C GLN B 176 2.71 -15.00 13.24
N VAL B 177 3.13 -15.84 12.37
CA VAL B 177 4.51 -16.14 12.05
C VAL B 177 5.26 -14.95 11.42
N SER B 178 4.59 -14.26 10.43
CA SER B 178 4.89 -12.87 9.82
C SER B 178 5.16 -11.79 10.89
N THR B 179 6.07 -10.83 10.68
CA THR B 179 6.35 -9.74 11.61
C THR B 179 5.27 -8.73 11.66
N ALA B 180 4.45 -8.66 10.58
CA ALA B 180 3.35 -7.70 10.39
C ALA B 180 2.14 -8.04 11.30
N VAL B 181 1.79 -7.15 12.19
CA VAL B 181 0.61 -7.19 12.99
C VAL B 181 -0.64 -6.83 12.21
N VAL B 182 -0.53 -5.98 11.10
CA VAL B 182 -1.61 -5.46 10.29
C VAL B 182 -1.87 -6.41 9.07
N GLU B 183 -1.12 -7.49 8.87
CA GLU B 183 -1.19 -8.46 7.72
C GLU B 183 -2.51 -9.32 7.82
N PRO B 184 -2.98 -9.87 8.89
CA PRO B 184 -4.29 -10.51 8.97
C PRO B 184 -5.51 -9.68 8.49
N TYR B 185 -5.51 -8.37 8.58
CA TYR B 185 -6.67 -7.47 8.43
C TYR B 185 -7.36 -7.52 7.04
N ASN B 186 -6.56 -7.49 5.96
CA ASN B 186 -6.98 -7.67 4.55
C ASN B 186 -7.25 -9.16 4.27
N SER B 187 -6.57 -10.06 4.99
CA SER B 187 -6.62 -11.47 4.70
C SER B 187 -7.81 -12.12 5.36
N ILE B 188 -8.43 -11.49 6.42
CA ILE B 188 -9.60 -12.01 7.13
C ILE B 188 -10.80 -12.30 6.32
N LEU B 189 -11.12 -11.38 5.39
CA LEU B 189 -12.20 -11.58 4.40
C LEU B 189 -11.94 -12.61 3.36
N THR B 190 -10.69 -12.67 2.81
CA THR B 190 -10.42 -13.76 1.85
C THR B 190 -10.49 -15.20 2.48
N THR B 191 -10.08 -15.22 3.79
CA THR B 191 -10.04 -16.41 4.63
C THR B 191 -11.44 -16.94 4.81
N HIS B 192 -12.45 -15.97 4.98
CA HIS B 192 -13.82 -16.16 5.05
C HIS B 192 -14.42 -16.57 3.72
N THR B 193 -14.04 -15.88 2.59
CA THR B 193 -14.49 -16.27 1.25
C THR B 193 -14.10 -17.77 0.90
N THR B 194 -12.81 -18.17 1.32
CA THR B 194 -12.25 -19.52 1.13
C THR B 194 -13.07 -20.57 1.70
N LEU B 195 -13.72 -20.37 2.92
CA LEU B 195 -14.69 -21.21 3.54
C LEU B 195 -15.82 -21.67 2.62
N GLU B 196 -16.48 -20.74 1.91
CA GLU B 196 -17.44 -21.10 0.94
C GLU B 196 -16.86 -21.66 -0.36
N HIS B 197 -15.84 -20.97 -0.96
CA HIS B 197 -15.61 -21.02 -2.36
C HIS B 197 -14.22 -21.65 -2.74
N SER B 198 -13.47 -22.25 -1.80
CA SER B 198 -12.23 -22.96 -2.10
C SER B 198 -12.27 -24.37 -1.66
N ASP B 199 -12.53 -25.32 -2.59
CA ASP B 199 -12.46 -26.74 -2.18
C ASP B 199 -11.03 -27.21 -2.12
N CYS B 200 -10.13 -26.62 -2.95
CA CYS B 200 -8.75 -27.18 -3.18
C CYS B 200 -7.63 -26.19 -3.24
N ALA B 201 -6.77 -26.08 -2.20
CA ALA B 201 -5.68 -25.15 -2.07
C ALA B 201 -4.42 -25.90 -1.59
N PHE B 202 -3.34 -25.81 -2.35
CA PHE B 202 -2.06 -26.26 -1.90
C PHE B 202 -1.22 -25.10 -1.52
N MET B 203 -0.71 -25.05 -0.31
CA MET B 203 -0.15 -23.88 0.38
C MET B 203 1.31 -24.12 0.60
N VAL B 204 2.09 -23.08 0.25
CA VAL B 204 3.44 -23.00 0.65
C VAL B 204 3.61 -21.89 1.64
N ASP B 205 4.37 -22.14 2.66
CA ASP B 205 4.75 -21.06 3.59
C ASP B 205 6.01 -20.44 3.04
N ASN B 206 5.89 -19.18 2.61
CA ASN B 206 7.06 -18.41 2.33
C ASN B 206 8.11 -18.18 3.43
N GLU B 207 7.72 -18.02 4.69
CA GLU B 207 8.60 -18.08 5.79
C GLU B 207 9.29 -19.39 6.00
N ALA B 208 8.67 -20.57 5.73
CA ALA B 208 9.36 -21.82 5.93
C ALA B 208 10.49 -22.10 4.93
N ILE B 209 10.21 -21.74 3.68
CA ILE B 209 11.18 -21.83 2.53
C ILE B 209 12.31 -20.81 2.69
N TYR B 210 12.09 -19.63 3.19
CA TYR B 210 13.13 -18.70 3.47
C TYR B 210 14.22 -19.11 4.41
N ASP B 211 13.77 -19.81 5.47
CA ASP B 211 14.59 -20.48 6.45
C ASP B 211 15.30 -21.72 5.89
N ILE B 212 14.61 -22.59 5.13
CA ILE B 212 15.20 -23.66 4.34
C ILE B 212 16.19 -23.11 3.30
N CYS B 213 15.93 -22.08 2.52
CA CYS B 213 16.70 -21.59 1.47
C CYS B 213 18.03 -21.06 2.11
N ARG B 214 17.92 -20.24 3.17
CA ARG B 214 19.10 -19.80 3.85
C ARG B 214 19.92 -20.85 4.56
N ARG B 215 19.31 -21.80 5.34
CA ARG B 215 20.05 -22.75 6.22
C ARG B 215 20.24 -24.16 5.71
N ASN B 216 19.14 -24.80 5.09
CA ASN B 216 19.29 -26.21 4.63
C ASN B 216 20.04 -26.28 3.32
N LEU B 217 19.60 -25.41 2.41
CA LEU B 217 20.16 -25.30 1.08
C LEU B 217 21.50 -24.54 0.97
N ASP B 218 21.77 -23.81 2.05
CA ASP B 218 22.87 -22.97 2.32
C ASP B 218 23.16 -21.96 1.29
N ILE B 219 22.19 -21.14 0.96
CA ILE B 219 22.29 -20.05 0.00
C ILE B 219 22.65 -18.80 0.74
N GLU B 220 23.74 -18.14 0.29
CA GLU B 220 24.41 -16.94 0.67
C GLU B 220 23.60 -15.78 0.33
N ARG B 221 23.06 -15.62 -0.92
CA ARG B 221 22.21 -14.49 -1.23
C ARG B 221 20.74 -14.89 -1.51
N PRO B 222 19.82 -15.21 -0.62
CA PRO B 222 18.33 -15.34 -0.96
C PRO B 222 17.74 -14.06 -1.47
N THR B 223 16.93 -14.13 -2.50
CA THR B 223 16.18 -13.01 -3.01
C THR B 223 14.92 -13.61 -3.43
N TYR B 224 13.96 -12.82 -3.81
CA TYR B 224 12.67 -13.27 -4.36
C TYR B 224 12.80 -14.15 -5.65
N THR B 225 13.61 -13.73 -6.59
CA THR B 225 13.79 -14.38 -7.87
C THR B 225 14.26 -15.81 -7.70
N ASN B 226 15.27 -16.06 -6.84
CA ASN B 226 15.74 -17.36 -6.41
C ASN B 226 14.73 -18.21 -5.57
N LEU B 227 13.91 -17.58 -4.70
CA LEU B 227 12.83 -18.27 -4.00
C LEU B 227 11.75 -18.74 -4.94
N ASN B 228 11.27 -17.85 -5.88
CA ASN B 228 10.27 -18.24 -6.79
C ASN B 228 10.76 -19.33 -7.76
N ARG B 229 12.06 -19.32 -8.18
CA ARG B 229 12.75 -20.39 -8.89
C ARG B 229 12.64 -21.63 -8.11
N LEU B 230 12.84 -21.63 -6.80
CA LEU B 230 12.72 -22.88 -5.96
C LEU B 230 11.28 -23.38 -5.82
N ILE B 231 10.29 -22.51 -5.64
CA ILE B 231 8.96 -22.96 -5.63
C ILE B 231 8.44 -23.39 -7.04
N GLY B 232 9.06 -22.97 -8.21
CA GLY B 232 8.82 -23.61 -9.50
C GLY B 232 9.23 -25.02 -9.63
N GLN B 233 10.37 -25.37 -8.97
CA GLN B 233 10.82 -26.77 -8.80
C GLN B 233 9.84 -27.72 -8.04
N ILE B 234 9.12 -27.14 -7.04
CA ILE B 234 8.05 -27.85 -6.31
C ILE B 234 6.89 -28.21 -7.24
N VAL B 235 6.25 -27.16 -7.85
CA VAL B 235 5.22 -27.17 -8.83
C VAL B 235 5.54 -28.12 -9.99
N SER B 236 6.75 -28.17 -10.53
CA SER B 236 7.22 -29.06 -11.50
C SER B 236 7.40 -30.52 -10.97
N SER B 237 8.12 -30.75 -9.84
CA SER B 237 8.26 -32.14 -9.21
C SER B 237 6.91 -32.90 -9.01
N ILE B 238 5.89 -32.17 -8.54
CA ILE B 238 4.46 -32.61 -8.53
C ILE B 238 3.87 -32.79 -9.94
N THR B 239 3.76 -31.68 -10.66
CA THR B 239 3.01 -31.73 -11.91
C THR B 239 3.69 -32.53 -12.98
N ALA B 240 4.96 -32.38 -13.18
CA ALA B 240 5.63 -32.92 -14.32
C ALA B 240 5.80 -34.36 -14.25
N SER B 241 5.64 -34.93 -13.03
CA SER B 241 5.54 -36.40 -12.77
C SER B 241 4.24 -37.07 -13.16
N LEU B 242 3.11 -36.38 -13.08
CA LEU B 242 1.80 -36.95 -13.32
C LEU B 242 1.25 -36.57 -14.74
N ARG B 243 2.01 -36.01 -15.68
CA ARG B 243 1.50 -35.54 -16.99
C ARG B 243 1.08 -36.56 -17.96
N PHE B 244 1.89 -37.63 -18.14
CA PHE B 244 1.55 -38.78 -19.05
C PHE B 244 2.52 -39.93 -19.15
N ASP B 245 3.74 -39.92 -18.48
CA ASP B 245 4.80 -40.90 -18.67
C ASP B 245 4.70 -42.03 -17.68
N GLY B 246 5.88 -42.48 -17.08
CA GLY B 246 6.01 -43.58 -16.13
C GLY B 246 5.51 -43.28 -14.76
N ALA B 247 4.19 -43.40 -14.54
CA ALA B 247 3.57 -42.97 -13.27
C ALA B 247 2.16 -43.55 -13.08
N LEU B 248 1.55 -43.32 -11.86
CA LEU B 248 0.13 -43.58 -11.78
C LEU B 248 -0.74 -42.65 -12.62
N ASN B 249 -0.24 -41.39 -12.88
CA ASN B 249 -0.80 -40.30 -13.68
C ASN B 249 -2.21 -39.96 -13.18
N VAL B 250 -2.35 -39.79 -11.83
CA VAL B 250 -3.60 -39.48 -11.20
C VAL B 250 -4.21 -38.17 -11.60
N ASP B 251 -5.49 -38.29 -11.95
CA ASP B 251 -6.33 -37.20 -12.40
C ASP B 251 -6.55 -36.21 -11.24
N LEU B 252 -7.00 -34.95 -11.62
CA LEU B 252 -7.37 -33.88 -10.79
C LEU B 252 -8.52 -34.20 -9.86
N THR B 253 -9.60 -34.79 -10.36
CA THR B 253 -10.83 -35.27 -9.74
C THR B 253 -10.53 -36.40 -8.68
N GLU B 254 -9.72 -37.42 -9.14
CA GLU B 254 -9.32 -38.54 -8.32
C GLU B 254 -8.50 -38.11 -7.11
N PHE B 255 -7.60 -37.14 -7.27
CA PHE B 255 -6.89 -36.56 -6.18
C PHE B 255 -7.69 -35.71 -5.22
N GLN B 256 -8.63 -34.87 -5.73
CA GLN B 256 -9.49 -33.93 -5.04
C GLN B 256 -10.39 -34.71 -4.15
N THR B 257 -10.95 -35.83 -4.63
CA THR B 257 -11.88 -36.64 -3.85
C THR B 257 -11.20 -37.47 -2.74
N ASN B 258 -9.90 -37.72 -2.87
CA ASN B 258 -9.11 -38.30 -1.80
C ASN B 258 -8.70 -37.24 -0.66
N LEU B 259 -8.35 -36.04 -1.10
CA LEU B 259 -8.01 -34.86 -0.26
C LEU B 259 -9.18 -34.44 0.62
N VAL B 260 -10.41 -34.36 0.00
CA VAL B 260 -11.59 -33.72 0.58
C VAL B 260 -12.67 -34.84 0.78
N PRO B 261 -12.75 -35.50 1.89
CA PRO B 261 -13.66 -36.64 2.02
C PRO B 261 -14.93 -36.22 2.74
N TYR B 262 -15.04 -34.98 3.30
CA TYR B 262 -16.17 -34.51 4.15
C TYR B 262 -16.25 -33.05 3.96
N PRO B 263 -17.32 -32.31 4.31
CA PRO B 263 -17.44 -30.85 4.10
C PRO B 263 -16.26 -29.97 4.47
N ARG B 264 -16.05 -28.79 3.83
CA ARG B 264 -14.96 -27.80 3.98
C ARG B 264 -13.55 -28.33 3.49
N GLY B 265 -12.91 -27.48 2.55
CA GLY B 265 -11.65 -27.82 1.94
C GLY B 265 -10.59 -28.27 2.95
N HIS B 266 -9.71 -29.23 2.51
CA HIS B 266 -8.73 -29.90 3.32
C HIS B 266 -7.37 -29.43 2.94
N PHE B 267 -6.99 -28.17 3.02
CA PHE B 267 -5.78 -27.62 2.45
C PHE B 267 -4.48 -28.17 3.19
N PRO B 268 -3.51 -28.90 2.58
CA PRO B 268 -2.27 -29.26 3.30
C PRO B 268 -1.17 -28.22 3.06
N LEU B 269 -0.20 -28.01 4.03
CA LEU B 269 1.11 -27.38 3.78
C LEU B 269 1.95 -28.35 2.85
N ALA B 270 2.59 -27.85 1.73
CA ALA B 270 3.57 -28.53 0.84
C ALA B 270 5.01 -28.43 1.37
N THR B 271 5.77 -29.49 1.31
CA THR B 271 7.24 -29.45 1.55
C THR B 271 7.99 -30.28 0.43
N TYR B 272 9.27 -30.23 0.45
CA TYR B 272 10.05 -30.75 -0.68
C TYR B 272 11.45 -31.32 -0.24
N ALA B 273 11.80 -32.56 -0.58
CA ALA B 273 13.02 -33.02 -0.05
C ALA B 273 14.40 -32.49 -0.39
N PRO B 274 14.79 -32.13 -1.62
CA PRO B 274 16.21 -31.99 -1.98
C PRO B 274 16.54 -30.50 -2.04
N VAL B 275 16.25 -29.78 -0.93
CA VAL B 275 16.42 -28.37 -0.67
C VAL B 275 17.44 -28.37 0.38
N ILE B 276 18.49 -29.17 0.13
CA ILE B 276 19.63 -29.60 1.03
C ILE B 276 20.95 -29.39 0.33
N SER B 277 21.98 -28.83 1.03
CA SER B 277 23.28 -28.34 0.53
C SER B 277 24.18 -29.35 -0.09
N ALA B 278 24.14 -30.61 0.46
CA ALA B 278 24.69 -31.81 -0.21
C ALA B 278 24.16 -32.16 -1.58
N GLU B 279 22.83 -32.03 -1.71
CA GLU B 279 22.17 -32.28 -2.97
C GLU B 279 22.46 -31.25 -4.08
N LYS B 280 22.57 -30.01 -3.67
CA LYS B 280 22.84 -28.87 -4.51
C LYS B 280 24.22 -28.95 -5.01
N ALA B 281 25.18 -29.51 -4.21
CA ALA B 281 26.55 -29.73 -4.65
C ALA B 281 26.81 -31.10 -5.09
N TYR B 282 25.75 -31.95 -5.24
CA TYR B 282 25.70 -33.30 -5.86
C TYR B 282 26.19 -34.42 -5.03
N HIS B 283 25.40 -35.43 -4.69
CA HIS B 283 25.73 -36.43 -3.70
C HIS B 283 25.04 -37.73 -4.13
N GLU B 284 24.99 -38.76 -3.32
CA GLU B 284 24.47 -40.11 -3.61
C GLU B 284 23.03 -40.11 -4.27
N GLN B 285 22.62 -41.16 -5.02
CA GLN B 285 21.28 -41.33 -5.66
C GLN B 285 20.16 -41.56 -4.79
N LEU B 286 20.33 -42.47 -3.79
CA LEU B 286 19.49 -42.71 -2.61
C LEU B 286 18.37 -43.73 -2.82
N SER B 287 18.05 -44.37 -1.71
CA SER B 287 17.05 -45.40 -1.63
C SER B 287 15.76 -44.80 -1.13
N VAL B 288 14.58 -45.44 -1.12
CA VAL B 288 13.35 -44.68 -0.89
C VAL B 288 13.15 -44.21 0.53
N ALA B 289 13.68 -44.99 1.46
CA ALA B 289 13.97 -44.73 2.91
C ALA B 289 14.90 -43.57 3.05
N GLU B 290 16.06 -43.53 2.39
CA GLU B 290 16.88 -42.37 2.52
C GLU B 290 16.27 -41.06 2.00
N ILE B 291 15.52 -41.03 0.80
CA ILE B 291 14.91 -39.77 0.33
C ILE B 291 13.85 -39.23 1.31
N THR B 292 13.10 -40.17 1.94
CA THR B 292 12.25 -39.94 3.08
C THR B 292 12.89 -39.25 4.19
N ASN B 293 13.99 -39.80 4.66
CA ASN B 293 14.78 -39.30 5.73
C ASN B 293 15.35 -37.89 5.49
N ALA B 294 15.89 -37.58 4.27
CA ALA B 294 16.20 -36.26 3.79
C ALA B 294 15.01 -35.24 3.87
N CYS B 295 13.82 -35.70 3.46
CA CYS B 295 12.61 -34.98 3.59
C CYS B 295 12.14 -34.70 5.01
N PHE B 296 12.55 -35.56 6.01
CA PHE B 296 12.07 -35.56 7.40
C PHE B 296 13.18 -34.93 8.25
N GLU B 297 14.28 -34.37 7.59
CA GLU B 297 15.31 -33.45 8.16
C GLU B 297 14.71 -32.17 8.78
N PRO B 298 15.34 -31.73 9.92
CA PRO B 298 15.05 -30.48 10.55
C PRO B 298 14.85 -29.21 9.69
N ALA B 299 13.81 -28.50 10.01
CA ALA B 299 13.33 -27.36 9.19
C ALA B 299 12.46 -27.90 8.04
N ASN B 300 12.76 -29.04 7.34
CA ASN B 300 11.97 -29.51 6.18
C ASN B 300 10.60 -29.98 6.57
N GLN B 301 10.40 -30.69 7.74
CA GLN B 301 9.09 -31.00 8.30
C GLN B 301 8.69 -29.75 9.00
N MET B 302 7.37 -29.38 9.09
CA MET B 302 6.85 -28.24 9.76
C MET B 302 6.94 -28.35 11.30
N VAL B 303 7.08 -27.22 12.01
CA VAL B 303 7.10 -27.11 13.47
C VAL B 303 5.76 -26.53 14.06
N LYS B 304 4.79 -26.29 13.17
CA LYS B 304 3.51 -25.61 13.30
C LYS B 304 2.63 -26.16 14.39
N CYS B 305 2.38 -27.45 14.36
CA CYS B 305 1.57 -28.14 15.32
C CYS B 305 2.42 -28.84 16.35
N ASP B 306 3.70 -28.39 16.44
CA ASP B 306 4.77 -29.13 17.06
C ASP B 306 5.20 -30.34 16.14
N PRO B 307 6.40 -30.59 15.80
CA PRO B 307 6.76 -31.56 14.73
C PRO B 307 6.15 -32.97 14.66
N ARG B 308 5.93 -33.63 15.82
CA ARG B 308 5.42 -34.96 15.87
C ARG B 308 3.95 -35.00 16.20
N HIS B 309 3.40 -33.83 16.39
CA HIS B 309 2.01 -33.72 16.94
C HIS B 309 1.11 -32.91 16.10
N GLY B 310 -0.08 -32.67 16.67
CA GLY B 310 -1.15 -32.00 15.95
C GLY B 310 -2.19 -33.00 15.43
N LYS B 311 -2.00 -34.31 15.64
CA LYS B 311 -2.99 -35.35 15.29
C LYS B 311 -3.26 -35.48 13.78
N TYR B 312 -2.21 -35.75 12.95
CA TYR B 312 -2.34 -36.07 11.59
C TYR B 312 -3.49 -36.88 11.19
N MET B 313 -4.32 -36.44 10.22
CA MET B 313 -5.24 -37.30 9.55
C MET B 313 -4.53 -38.26 8.61
N ALA B 314 -3.52 -37.70 7.85
CA ALA B 314 -2.67 -38.45 6.91
C ALA B 314 -1.50 -37.56 6.57
N CYS B 315 -0.42 -38.14 6.16
CA CYS B 315 0.57 -37.50 5.36
C CYS B 315 0.54 -38.28 4.07
N CYS B 316 0.72 -37.53 2.89
CA CYS B 316 0.76 -38.13 1.59
C CYS B 316 2.13 -37.82 0.95
N LEU B 317 3.02 -38.86 0.71
CA LEU B 317 4.31 -38.65 0.11
C LEU B 317 4.15 -39.01 -1.35
N LEU B 318 4.68 -38.08 -2.19
CA LEU B 318 4.63 -38.22 -3.67
C LEU B 318 6.01 -38.60 -4.19
N TYR B 319 6.28 -39.95 -4.27
CA TYR B 319 7.53 -40.50 -4.84
C TYR B 319 7.71 -40.50 -6.31
N ARG B 320 8.04 -39.35 -6.93
CA ARG B 320 8.78 -39.29 -8.23
C ARG B 320 10.09 -40.07 -8.35
N GLY B 321 10.42 -40.47 -9.59
CA GLY B 321 11.74 -41.13 -9.89
C GLY B 321 11.59 -42.67 -9.81
N ASP B 322 12.52 -43.47 -10.40
CA ASP B 322 12.60 -44.92 -10.28
C ASP B 322 12.60 -45.46 -8.86
N VAL B 323 11.92 -46.55 -8.57
CA VAL B 323 11.48 -46.93 -7.23
C VAL B 323 11.48 -48.41 -7.24
N VAL B 324 11.63 -49.01 -6.03
CA VAL B 324 11.66 -50.42 -5.88
C VAL B 324 10.37 -50.70 -5.01
N PRO B 325 9.50 -51.69 -5.09
CA PRO B 325 8.23 -51.79 -4.33
C PRO B 325 8.34 -52.08 -2.89
N LYS B 326 9.24 -52.94 -2.49
CA LYS B 326 9.71 -53.15 -1.09
C LYS B 326 10.20 -51.96 -0.35
N ASP B 327 11.05 -51.14 -1.05
CA ASP B 327 11.62 -49.97 -0.50
C ASP B 327 10.53 -48.94 -0.22
N VAL B 328 9.56 -48.78 -1.18
CA VAL B 328 8.53 -47.74 -0.91
C VAL B 328 7.57 -48.16 0.19
N ASN B 329 7.09 -49.44 0.22
CA ASN B 329 6.14 -49.78 1.27
C ASN B 329 6.74 -49.66 2.74
N ALA B 330 8.01 -50.12 2.90
CA ALA B 330 8.74 -49.90 4.11
C ALA B 330 9.00 -48.40 4.36
N ALA B 331 9.25 -47.58 3.35
CA ALA B 331 9.43 -46.14 3.58
C ALA B 331 8.35 -45.36 4.34
N ILE B 332 7.04 -45.73 4.05
CA ILE B 332 5.89 -45.23 4.76
C ILE B 332 5.46 -46.06 5.91
N ALA B 333 5.84 -47.35 5.96
CA ALA B 333 5.52 -48.26 7.10
C ALA B 333 6.47 -47.96 8.28
N THR B 334 7.72 -47.52 8.03
CA THR B 334 8.74 -47.37 9.15
C THR B 334 8.35 -46.27 10.14
N ILE B 335 7.94 -45.09 9.64
CA ILE B 335 7.47 -44.01 10.55
C ILE B 335 6.31 -44.32 11.44
N LYS B 336 5.28 -45.00 10.83
CA LYS B 336 4.14 -45.55 11.50
C LYS B 336 4.48 -46.60 12.64
N THR B 337 5.43 -47.52 12.29
CA THR B 337 5.78 -48.66 13.21
C THR B 337 6.72 -48.15 14.27
N LYS B 338 7.53 -47.08 14.06
CA LYS B 338 8.28 -46.31 15.02
C LYS B 338 7.42 -45.65 16.01
N ARG B 339 6.41 -45.06 15.41
CA ARG B 339 5.21 -44.41 16.00
C ARG B 339 5.54 -43.24 16.86
N THR B 340 6.52 -42.45 16.35
CA THR B 340 6.90 -41.19 16.97
C THR B 340 5.83 -40.11 16.72
N ILE B 341 5.49 -40.07 15.52
CA ILE B 341 4.39 -39.27 15.05
C ILE B 341 2.93 -39.56 15.62
N GLN B 342 2.06 -38.60 15.76
CA GLN B 342 0.71 -38.59 16.35
C GLN B 342 -0.34 -38.42 15.23
N PHE B 343 -1.31 -39.32 15.33
CA PHE B 343 -2.35 -39.47 14.34
C PHE B 343 -3.65 -39.41 15.13
N VAL B 344 -4.80 -39.18 14.48
CA VAL B 344 -6.13 -39.45 15.09
C VAL B 344 -6.42 -40.92 15.39
N ASP B 345 -6.93 -41.12 16.68
CA ASP B 345 -7.07 -42.40 17.31
C ASP B 345 -8.13 -43.32 16.61
N TRP B 346 -9.27 -42.76 16.11
CA TRP B 346 -10.27 -43.35 15.22
C TRP B 346 -9.60 -43.82 13.86
N CYS B 347 -8.54 -43.23 13.34
CA CYS B 347 -8.02 -43.55 12.06
C CYS B 347 -6.55 -43.49 12.08
N PRO B 348 -5.74 -44.55 12.52
CA PRO B 348 -4.25 -44.43 12.62
C PRO B 348 -3.75 -45.00 11.30
N THR B 349 -4.60 -45.22 10.29
CA THR B 349 -4.22 -45.96 9.06
C THR B 349 -3.08 -45.43 8.10
N GLY B 350 -3.14 -44.19 7.69
CA GLY B 350 -2.17 -43.56 6.79
C GLY B 350 -1.67 -44.32 5.53
N PHE B 351 -2.62 -44.74 4.62
CA PHE B 351 -2.39 -45.51 3.39
C PHE B 351 -2.25 -44.59 2.21
N LYS B 352 -2.37 -43.25 2.48
CA LYS B 352 -2.32 -42.20 1.44
C LYS B 352 -0.97 -41.87 0.85
N VAL B 353 -0.72 -42.13 -0.48
CA VAL B 353 0.59 -42.05 -1.01
C VAL B 353 0.51 -41.98 -2.51
N GLY B 354 1.53 -41.48 -3.15
CA GLY B 354 1.71 -41.43 -4.62
C GLY B 354 2.99 -42.11 -4.92
N ILE B 355 2.99 -43.21 -5.72
CA ILE B 355 4.15 -43.82 -6.18
C ILE B 355 4.29 -43.79 -7.71
N ASN B 356 5.42 -43.18 -8.16
CA ASN B 356 5.57 -42.88 -9.66
C ASN B 356 6.92 -43.29 -10.02
N TYR B 357 7.23 -43.27 -11.35
CA TYR B 357 8.42 -44.10 -11.68
C TYR B 357 9.24 -43.53 -12.86
N GLU B 358 9.08 -42.29 -13.23
CA GLU B 358 9.84 -41.55 -14.18
C GLU B 358 10.94 -40.77 -13.49
N PRO B 359 12.22 -40.74 -13.87
CA PRO B 359 13.28 -39.87 -13.31
C PRO B 359 13.22 -38.47 -13.91
N PRO B 360 13.42 -37.39 -13.20
CA PRO B 360 13.90 -36.09 -13.75
C PRO B 360 15.14 -36.16 -14.66
N THR B 361 15.09 -35.70 -15.93
CA THR B 361 16.20 -35.78 -16.96
C THR B 361 16.84 -34.40 -17.26
N VAL B 362 16.35 -33.31 -16.58
CA VAL B 362 16.84 -31.98 -16.57
C VAL B 362 18.38 -31.81 -16.47
N VAL B 363 18.95 -30.85 -17.17
CA VAL B 363 20.43 -30.60 -17.17
C VAL B 363 20.78 -29.77 -15.96
N PRO B 364 21.78 -30.11 -15.18
CA PRO B 364 22.55 -29.13 -14.35
C PRO B 364 22.61 -27.61 -14.69
N GLY B 365 22.38 -26.68 -13.71
CA GLY B 365 22.20 -25.24 -13.93
C GLY B 365 21.57 -24.54 -12.81
N GLY B 366 20.33 -24.94 -12.50
CA GLY B 366 19.54 -24.48 -11.36
C GLY B 366 19.79 -25.17 -10.05
N ASP B 367 18.79 -25.29 -9.21
CA ASP B 367 18.88 -26.00 -7.90
C ASP B 367 18.29 -27.40 -8.13
N LEU B 368 17.63 -27.72 -9.33
CA LEU B 368 17.27 -29.08 -9.69
C LEU B 368 18.30 -29.60 -10.66
N ALA B 369 18.49 -30.90 -10.71
CA ALA B 369 19.54 -31.53 -11.47
C ALA B 369 19.09 -33.00 -11.75
N LYS B 370 19.79 -33.74 -12.63
CA LYS B 370 19.37 -35.01 -13.05
C LYS B 370 19.58 -36.14 -12.02
N VAL B 371 18.47 -36.82 -11.68
CA VAL B 371 18.33 -37.68 -10.52
C VAL B 371 17.51 -38.89 -10.85
N GLN B 372 17.52 -39.80 -9.89
CA GLN B 372 16.82 -41.03 -9.95
C GLN B 372 15.67 -41.02 -8.96
N ARG B 373 15.81 -40.32 -7.81
CA ARG B 373 14.94 -40.51 -6.70
C ARG B 373 14.52 -39.15 -6.13
N ALA B 374 13.22 -38.89 -6.05
CA ALA B 374 12.69 -37.63 -5.63
C ALA B 374 11.46 -37.86 -4.81
N VAL B 375 11.00 -36.87 -4.03
CA VAL B 375 9.77 -36.89 -3.22
C VAL B 375 9.34 -35.48 -2.87
N CYS B 376 8.05 -35.32 -2.60
CA CYS B 376 7.33 -34.12 -2.27
C CYS B 376 6.31 -34.65 -1.32
N MET B 377 5.77 -33.73 -0.42
CA MET B 377 5.02 -34.17 0.71
C MET B 377 3.91 -33.19 1.01
N LEU B 378 2.72 -33.71 1.20
CA LEU B 378 1.63 -33.06 1.74
C LEU B 378 1.21 -33.55 3.08
N SER B 379 1.18 -32.72 4.13
CA SER B 379 1.05 -33.06 5.52
C SER B 379 -0.36 -32.57 5.91
N ASN B 380 -1.28 -33.40 6.46
CA ASN B 380 -2.57 -33.03 6.94
C ASN B 380 -2.74 -33.26 8.43
N THR B 381 -2.87 -32.24 9.27
CA THR B 381 -3.06 -32.23 10.72
C THR B 381 -4.55 -31.87 11.06
N THR B 382 -5.18 -32.56 12.02
CA THR B 382 -6.62 -32.31 12.41
C THR B 382 -6.72 -31.15 13.38
N ALA B 383 -5.70 -31.06 14.27
CA ALA B 383 -5.61 -30.06 15.35
C ALA B 383 -5.12 -28.71 14.96
N ILE B 384 -5.81 -28.19 13.95
CA ILE B 384 -5.47 -26.93 13.27
C ILE B 384 -6.16 -25.80 13.88
N ALA B 385 -6.71 -25.91 15.08
CA ALA B 385 -7.42 -24.89 15.88
C ALA B 385 -6.45 -23.76 16.11
N GLU B 386 -5.13 -24.09 16.26
CA GLU B 386 -3.99 -23.23 16.38
C GLU B 386 -3.77 -22.21 15.33
N ALA B 387 -4.21 -22.47 14.07
CA ALA B 387 -4.12 -21.52 13.01
C ALA B 387 -5.18 -20.52 13.15
N TRP B 388 -6.43 -21.00 13.36
CA TRP B 388 -7.57 -20.11 13.52
C TRP B 388 -7.55 -19.18 14.72
N ALA B 389 -7.03 -19.72 15.76
CA ALA B 389 -6.83 -19.21 17.09
C ALA B 389 -5.77 -18.10 17.08
N ARG B 390 -4.59 -18.29 16.38
CA ARG B 390 -3.68 -17.22 16.00
C ARG B 390 -4.24 -16.11 15.15
N LEU B 391 -5.10 -16.37 14.12
CA LEU B 391 -5.69 -15.36 13.31
C LEU B 391 -6.57 -14.45 14.21
N ASP B 392 -7.45 -15.10 14.97
CA ASP B 392 -8.27 -14.48 16.03
C ASP B 392 -7.51 -13.58 17.09
N HIS B 393 -6.42 -14.16 17.56
CA HIS B 393 -5.57 -13.55 18.57
C HIS B 393 -4.83 -12.31 17.98
N LYS B 394 -4.30 -12.51 16.69
CA LYS B 394 -3.38 -11.48 16.22
C LYS B 394 -4.07 -10.15 15.75
N PHE B 395 -5.30 -10.35 15.33
CA PHE B 395 -6.12 -9.26 14.90
C PHE B 395 -6.39 -8.41 16.22
N ASP B 396 -6.70 -9.02 17.33
CA ASP B 396 -7.06 -8.30 18.53
C ASP B 396 -5.91 -7.68 19.32
N LEU B 397 -4.74 -8.25 19.08
CA LEU B 397 -3.50 -7.83 19.65
C LEU B 397 -3.05 -6.44 19.17
N MET B 398 -3.32 -6.09 17.89
CA MET B 398 -3.40 -4.67 17.59
C MET B 398 -4.62 -3.97 18.25
N TYR B 399 -5.75 -4.54 17.94
CA TYR B 399 -7.07 -3.96 18.00
C TYR B 399 -7.49 -3.46 19.38
N ALA B 400 -7.22 -4.23 20.42
CA ALA B 400 -7.46 -3.89 21.79
C ALA B 400 -6.67 -2.70 22.35
N LYS B 401 -5.35 -2.69 22.07
CA LYS B 401 -4.54 -1.53 22.30
C LYS B 401 -5.02 -0.28 21.47
N ARG B 402 -5.26 -0.44 20.14
CA ARG B 402 -5.70 0.71 19.33
C ARG B 402 -6.42 0.23 18.06
N ALA B 403 -7.53 0.87 17.65
CA ALA B 403 -8.35 0.37 16.59
C ALA B 403 -7.60 0.59 15.22
N PHE B 404 -7.64 -0.39 14.30
CA PHE B 404 -6.89 -0.22 13.04
C PHE B 404 -7.58 -0.89 11.87
N VAL B 405 -8.93 -0.66 11.70
CA VAL B 405 -9.78 -1.24 10.61
C VAL B 405 -10.11 -0.15 9.59
N HIS B 406 -9.90 1.15 9.97
CA HIS B 406 -10.03 2.38 9.19
C HIS B 406 -9.60 2.35 7.71
N TRP B 407 -8.35 1.86 7.46
CA TRP B 407 -7.84 1.91 6.09
C TRP B 407 -8.55 0.85 5.24
N TYR B 408 -8.83 -0.36 5.72
CA TYR B 408 -9.47 -1.41 4.98
C TYR B 408 -10.96 -1.09 4.57
N VAL B 409 -11.58 -0.22 5.39
CA VAL B 409 -12.91 0.45 5.09
C VAL B 409 -12.82 1.76 4.28
N GLY B 410 -11.71 2.51 4.39
CA GLY B 410 -11.45 3.66 3.57
C GLY B 410 -11.17 3.36 2.20
N GLU B 411 -10.97 2.16 1.86
CA GLU B 411 -10.76 1.88 0.41
C GLU B 411 -12.04 1.44 -0.17
N GLY B 412 -13.19 1.40 0.57
CA GLY B 412 -14.51 1.10 0.07
C GLY B 412 -15.10 -0.19 0.56
N MET B 413 -15.04 -0.66 1.82
CA MET B 413 -15.72 -1.90 2.22
C MET B 413 -16.38 -1.58 3.48
N GLU B 414 -17.49 -2.33 3.77
CA GLU B 414 -18.15 -2.30 5.04
C GLU B 414 -17.33 -2.68 6.23
N GLU B 415 -17.54 -1.93 7.36
CA GLU B 415 -16.92 -2.06 8.70
C GLU B 415 -17.19 -3.36 9.48
N GLY B 416 -18.43 -3.70 9.65
CA GLY B 416 -18.85 -4.91 10.49
C GLY B 416 -18.32 -6.22 9.87
N GLU B 417 -18.23 -6.30 8.58
CA GLU B 417 -17.72 -7.47 7.76
C GLU B 417 -16.34 -8.02 8.29
N PHE B 418 -15.35 -7.15 8.50
CA PHE B 418 -14.07 -7.46 9.08
C PHE B 418 -14.16 -8.23 10.34
N SER B 419 -14.93 -7.72 11.29
CA SER B 419 -14.96 -8.32 12.70
C SER B 419 -15.87 -9.55 12.71
N GLU B 420 -16.92 -9.66 11.85
CA GLU B 420 -17.79 -10.82 11.72
C GLU B 420 -16.96 -11.99 11.17
N ALA B 421 -16.09 -11.72 10.17
CA ALA B 421 -15.18 -12.67 9.69
C ALA B 421 -14.14 -13.21 10.74
N ARG B 422 -13.63 -12.33 11.55
CA ARG B 422 -12.88 -12.60 12.73
C ARG B 422 -13.55 -13.51 13.79
N GLU B 423 -14.87 -13.16 14.08
CA GLU B 423 -15.78 -13.98 14.86
C GLU B 423 -16.06 -15.38 14.42
N ASP B 424 -16.14 -15.59 13.11
CA ASP B 424 -16.17 -16.84 12.39
C ASP B 424 -14.92 -17.76 12.67
N MET B 425 -13.69 -17.13 12.52
CA MET B 425 -12.38 -17.77 12.87
C MET B 425 -12.25 -18.28 14.32
N ALA B 426 -12.73 -17.52 15.27
CA ALA B 426 -13.04 -17.84 16.64
C ALA B 426 -14.03 -18.94 16.92
N ALA B 427 -15.18 -19.01 16.22
CA ALA B 427 -16.03 -20.23 16.24
C ALA B 427 -15.46 -21.46 15.58
N LEU B 428 -14.66 -21.33 14.47
CA LEU B 428 -13.87 -22.36 13.70
C LEU B 428 -12.83 -23.07 14.54
N GLU B 429 -12.19 -22.29 15.45
CA GLU B 429 -11.23 -22.74 16.45
C GLU B 429 -11.75 -23.98 17.18
N LYS B 430 -12.97 -23.91 17.73
CA LYS B 430 -13.56 -24.96 18.60
C LYS B 430 -14.01 -26.16 17.69
N ASP B 431 -14.56 -25.91 16.45
CA ASP B 431 -14.82 -27.02 15.43
C ASP B 431 -13.64 -27.83 14.97
N TYR B 432 -12.50 -27.18 14.71
CA TYR B 432 -11.30 -27.88 14.44
C TYR B 432 -10.51 -28.39 15.66
N GLU B 433 -10.79 -27.82 16.86
CA GLU B 433 -10.36 -28.35 18.12
C GLU B 433 -11.04 -29.70 18.42
N GLU B 434 -12.36 -29.79 18.23
CA GLU B 434 -12.96 -31.01 18.66
C GLU B 434 -12.55 -32.18 17.82
N VAL B 435 -12.56 -32.03 16.47
CA VAL B 435 -11.94 -33.02 15.60
C VAL B 435 -10.42 -33.31 15.83
N GLY B 436 -9.64 -32.31 16.41
CA GLY B 436 -8.29 -32.39 16.82
C GLY B 436 -8.16 -33.18 18.09
N VAL B 437 -9.19 -33.43 18.89
CA VAL B 437 -9.07 -34.39 20.03
C VAL B 437 -9.73 -35.72 19.57
N ASP B 438 -10.17 -35.75 18.34
CA ASP B 438 -11.01 -36.76 17.70
C ASP B 438 -12.18 -37.28 18.58
N SER B 439 -12.34 -38.61 18.76
CA SER B 439 -13.56 -39.12 19.46
C SER B 439 -13.14 -39.91 20.68
N MET C 1 4.29 5.89 -18.48
CA MET C 1 5.47 6.73 -18.03
C MET C 1 5.07 7.71 -16.94
N ARG C 2 6.01 8.34 -16.21
CA ARG C 2 5.64 9.18 -15.09
C ARG C 2 5.53 10.62 -15.38
N GLU C 3 6.38 11.22 -16.19
CA GLU C 3 6.33 12.66 -16.60
C GLU C 3 6.06 13.68 -15.55
N ILE C 4 6.88 13.81 -14.55
CA ILE C 4 6.66 14.63 -13.40
C ILE C 4 7.16 16.08 -13.58
N VAL C 5 6.28 17.02 -13.14
CA VAL C 5 6.46 18.39 -13.38
C VAL C 5 6.90 18.87 -12.01
N HIS C 6 7.94 19.68 -11.92
CA HIS C 6 8.45 20.12 -10.60
C HIS C 6 8.24 21.63 -10.50
N ILE C 7 7.37 22.09 -9.59
CA ILE C 7 7.10 23.48 -9.19
C ILE C 7 8.07 23.93 -8.14
N GLN C 8 8.70 25.09 -8.26
CA GLN C 8 9.78 25.40 -7.43
C GLN C 8 9.57 26.80 -6.95
N ALA C 9 9.52 26.97 -5.60
CA ALA C 9 9.05 28.22 -4.99
C ALA C 9 10.03 28.85 -3.97
N GLY C 10 10.49 30.13 -4.22
CA GLY C 10 11.44 30.81 -3.26
C GLY C 10 12.83 30.40 -3.62
N GLN C 11 13.84 31.22 -3.21
CA GLN C 11 15.25 31.09 -3.69
C GLN C 11 16.02 29.80 -3.42
N CYS C 12 15.99 29.26 -2.16
CA CYS C 12 16.49 27.91 -1.93
C CYS C 12 15.67 26.82 -2.50
N GLY C 13 14.32 26.89 -2.48
CA GLY C 13 13.46 25.98 -3.25
C GLY C 13 13.80 25.81 -4.71
N ASN C 14 14.25 26.84 -5.40
CA ASN C 14 14.76 26.65 -6.78
C ASN C 14 16.16 26.12 -6.87
N GLN C 15 17.07 26.65 -6.04
CA GLN C 15 18.41 26.17 -5.90
C GLN C 15 18.55 24.65 -5.71
N ILE C 16 17.64 24.08 -4.91
CA ILE C 16 17.64 22.63 -4.72
C ILE C 16 17.07 21.92 -5.89
N GLY C 17 16.16 22.61 -6.67
CA GLY C 17 15.59 21.95 -7.88
C GLY C 17 16.60 22.03 -9.03
N ALA C 18 17.44 23.07 -9.00
CA ALA C 18 18.52 23.23 -9.90
C ALA C 18 19.52 22.17 -9.85
N LYS C 19 19.88 21.79 -8.61
CA LYS C 19 20.91 20.88 -8.27
C LYS C 19 20.43 19.49 -8.48
N PHE C 20 19.15 19.27 -8.34
CA PHE C 20 18.56 18.04 -8.84
C PHE C 20 18.61 17.77 -10.34
N TRP C 21 18.39 18.89 -11.06
CA TRP C 21 18.30 18.83 -12.50
C TRP C 21 19.51 18.21 -13.06
N GLU C 22 20.69 18.79 -12.67
CA GLU C 22 22.02 18.44 -13.20
C GLU C 22 22.44 17.03 -12.78
N VAL C 23 22.00 16.56 -11.58
CA VAL C 23 22.22 15.11 -11.28
C VAL C 23 21.27 14.14 -12.07
N ILE C 24 19.94 14.46 -12.15
CA ILE C 24 18.94 13.52 -12.71
C ILE C 24 19.15 13.35 -14.12
N SER C 25 19.51 14.39 -14.87
CA SER C 25 19.75 14.41 -16.25
C SER C 25 20.90 13.56 -16.76
N ASP C 26 22.12 13.74 -16.12
CA ASP C 26 23.27 12.93 -16.32
C ASP C 26 22.90 11.41 -16.19
N GLU C 27 22.39 11.05 -15.02
CA GLU C 27 21.87 9.77 -14.69
C GLU C 27 21.06 9.06 -15.75
N HIS C 28 20.05 9.71 -16.31
CA HIS C 28 19.04 9.30 -17.30
C HIS C 28 19.44 9.70 -18.73
N GLY C 29 20.70 10.06 -18.96
CA GLY C 29 21.29 10.03 -20.30
C GLY C 29 21.12 11.31 -21.05
N ILE C 30 20.71 12.45 -20.43
CA ILE C 30 20.47 13.68 -21.13
C ILE C 30 21.69 14.59 -20.99
N ASP C 31 22.27 15.14 -22.03
CA ASP C 31 23.54 15.92 -22.08
C ASP C 31 23.34 17.32 -21.58
N PRO C 32 24.31 18.03 -21.05
CA PRO C 32 24.39 19.50 -21.06
C PRO C 32 23.90 20.17 -22.31
N THR C 33 24.26 19.68 -23.51
CA THR C 33 23.79 20.23 -24.80
C THR C 33 22.31 19.90 -25.04
N GLY C 34 21.61 19.06 -24.24
CA GLY C 34 20.33 18.42 -24.46
C GLY C 34 20.34 17.27 -25.37
N SER C 35 21.52 16.84 -25.79
CA SER C 35 21.66 15.71 -26.73
C SER C 35 21.78 14.29 -26.02
N TYR C 36 21.80 13.16 -26.76
CA TYR C 36 22.01 11.85 -26.13
C TYR C 36 23.39 11.42 -25.61
N HIS C 37 23.42 10.70 -24.45
CA HIS C 37 24.62 10.00 -24.05
C HIS C 37 24.36 8.65 -23.45
N GLY C 38 23.11 8.10 -23.61
CA GLY C 38 22.76 6.93 -22.85
C GLY C 38 23.37 5.55 -23.26
N ASP C 39 22.52 4.64 -23.73
CA ASP C 39 22.82 3.25 -24.11
C ASP C 39 22.91 2.42 -22.82
N SER C 40 21.87 2.66 -21.92
CA SER C 40 21.59 1.85 -20.74
C SER C 40 20.07 1.87 -20.65
N ASP C 41 19.47 0.95 -19.95
CA ASP C 41 18.03 0.79 -19.98
C ASP C 41 17.35 2.06 -19.40
N LEU C 42 17.87 2.81 -18.37
CA LEU C 42 17.22 4.02 -17.87
C LEU C 42 17.66 5.25 -18.64
N GLN C 43 18.49 5.06 -19.66
CA GLN C 43 19.05 6.04 -20.49
C GLN C 43 18.61 5.92 -21.96
N LEU C 44 17.32 5.34 -21.93
CA LEU C 44 16.23 4.82 -22.81
C LEU C 44 14.68 4.81 -22.31
N GLU C 45 14.16 4.12 -21.21
CA GLU C 45 12.77 4.23 -20.55
C GLU C 45 13.06 4.49 -19.05
N ARG C 46 12.15 4.76 -17.99
CA ARG C 46 12.61 5.52 -16.87
C ARG C 46 12.89 7.03 -17.21
N ILE C 47 13.69 7.31 -18.34
CA ILE C 47 14.09 8.69 -18.76
C ILE C 47 12.93 9.76 -18.96
N ASN C 48 11.73 9.29 -19.24
CA ASN C 48 10.59 10.17 -19.22
C ASN C 48 10.02 10.41 -17.83
N VAL C 49 10.77 10.33 -16.79
CA VAL C 49 10.42 10.87 -15.53
C VAL C 49 10.32 12.36 -15.42
N TYR C 50 11.28 13.04 -16.07
CA TYR C 50 11.27 14.51 -16.15
C TYR C 50 11.41 15.02 -17.52
N TYR C 51 11.55 14.25 -18.62
CA TYR C 51 11.99 14.67 -19.98
C TYR C 51 11.05 14.01 -21.02
N ASN C 52 11.22 14.53 -22.30
CA ASN C 52 10.49 14.17 -23.51
C ASN C 52 11.37 14.24 -24.70
N GLU C 53 10.98 13.61 -25.88
CA GLU C 53 11.97 13.35 -26.92
C GLU C 53 11.55 13.97 -28.24
N ALA C 54 12.56 14.60 -28.93
CA ALA C 54 12.30 15.38 -30.11
C ALA C 54 13.49 15.44 -30.95
N ALA C 55 13.34 15.97 -32.17
CA ALA C 55 14.37 16.63 -32.91
C ALA C 55 15.71 15.81 -33.26
N GLY C 56 15.64 14.47 -33.57
CA GLY C 56 16.88 13.71 -33.79
C GLY C 56 17.52 13.23 -32.50
N ASN C 57 16.76 13.16 -31.44
CA ASN C 57 17.01 12.61 -30.09
C ASN C 57 17.63 13.67 -29.18
N LYS C 58 17.04 14.85 -29.15
CA LYS C 58 17.37 15.98 -28.23
C LYS C 58 16.18 16.00 -27.29
N TYR C 59 16.38 16.43 -26.08
CA TYR C 59 15.36 16.12 -25.05
C TYR C 59 14.70 17.37 -24.52
N VAL C 60 13.32 17.42 -24.64
CA VAL C 60 12.53 18.59 -24.22
C VAL C 60 12.05 18.37 -22.74
N PRO C 61 12.17 19.34 -21.78
CA PRO C 61 11.65 19.27 -20.46
C PRO C 61 10.14 19.01 -20.40
N ARG C 62 9.67 17.99 -19.68
CA ARG C 62 8.29 18.02 -19.17
C ARG C 62 8.24 18.85 -17.91
N ALA C 63 9.29 18.75 -17.04
CA ALA C 63 9.41 19.70 -15.89
C ALA C 63 10.11 20.95 -16.39
N ILE C 64 9.48 21.84 -17.06
CA ILE C 64 9.94 23.11 -17.59
C ILE C 64 10.83 23.97 -16.63
N LEU C 65 11.67 24.81 -17.28
CA LEU C 65 12.68 25.60 -16.58
C LEU C 65 12.09 27.06 -16.40
N VAL C 66 12.02 27.55 -15.16
CA VAL C 66 11.23 28.69 -14.73
C VAL C 66 12.01 29.41 -13.63
N ASP C 67 11.98 30.77 -13.64
CA ASP C 67 12.29 31.52 -12.38
C ASP C 67 11.49 32.82 -12.61
N LEU C 68 11.76 33.70 -11.73
CA LEU C 68 11.16 35.06 -11.66
C LEU C 68 12.06 36.08 -12.35
N GLU C 69 13.33 36.13 -12.07
CA GLU C 69 14.06 37.35 -12.47
C GLU C 69 15.10 36.89 -13.50
N PRO C 70 15.53 37.77 -14.49
CA PRO C 70 16.32 37.36 -15.68
C PRO C 70 17.74 36.86 -15.49
N GLY C 71 18.44 37.35 -14.50
CA GLY C 71 19.80 36.94 -14.30
C GLY C 71 19.95 35.68 -13.51
N THR C 72 18.94 35.41 -12.67
CA THR C 72 18.78 34.17 -11.96
C THR C 72 18.31 33.11 -12.96
N MET C 73 17.35 33.38 -13.89
CA MET C 73 16.92 32.60 -15.07
C MET C 73 18.08 32.24 -15.95
N ASP C 74 18.99 33.20 -16.27
CA ASP C 74 20.22 33.12 -16.99
C ASP C 74 21.11 32.03 -16.31
N SER C 75 21.16 31.92 -15.00
CA SER C 75 22.00 30.89 -14.35
C SER C 75 21.55 29.40 -14.58
N VAL C 76 20.21 29.21 -14.66
CA VAL C 76 19.42 27.99 -14.98
C VAL C 76 19.55 27.61 -16.41
N ARG C 77 19.56 28.58 -17.24
CA ARG C 77 19.77 28.38 -18.68
C ARG C 77 21.26 28.14 -18.99
N SER C 78 22.21 28.81 -18.31
CA SER C 78 23.66 28.54 -18.54
C SER C 78 23.95 27.12 -18.08
N GLY C 79 23.36 26.65 -17.00
CA GLY C 79 23.38 25.18 -16.81
C GLY C 79 24.52 24.69 -15.99
N PRO C 80 25.17 23.56 -16.24
CA PRO C 80 25.37 22.85 -17.55
C PRO C 80 24.16 22.27 -18.25
N PHE C 81 23.04 21.86 -17.57
CA PHE C 81 21.98 21.01 -18.09
C PHE C 81 20.69 21.82 -18.29
N GLY C 82 20.79 23.16 -18.42
CA GLY C 82 19.66 23.99 -18.78
C GLY C 82 19.70 24.41 -20.20
N GLN C 83 20.74 23.97 -21.00
CA GLN C 83 21.01 24.49 -22.34
C GLN C 83 20.31 23.69 -23.42
N ILE C 84 19.34 22.87 -23.09
CA ILE C 84 18.81 21.70 -23.76
C ILE C 84 18.05 21.90 -25.06
N PHE C 85 17.13 22.89 -25.08
CA PHE C 85 16.18 22.98 -26.16
C PHE C 85 15.71 24.44 -26.20
N ARG C 86 15.23 24.80 -27.41
CA ARG C 86 14.49 25.93 -28.04
C ARG C 86 13.55 26.76 -27.13
N PRO C 87 13.53 28.08 -27.23
CA PRO C 87 13.17 28.97 -26.09
C PRO C 87 11.81 28.90 -25.38
N ASP C 88 10.77 28.24 -26.06
CA ASP C 88 9.46 28.06 -25.40
C ASP C 88 9.34 27.37 -24.06
N ASN C 89 10.49 26.77 -23.59
CA ASN C 89 10.58 26.14 -22.32
C ASN C 89 11.32 26.77 -21.20
N PHE C 90 11.62 28.09 -21.50
CA PHE C 90 12.15 29.01 -20.45
C PHE C 90 11.12 30.11 -20.09
N VAL C 91 10.76 30.18 -18.80
CA VAL C 91 9.68 31.13 -18.46
C VAL C 91 10.07 32.13 -17.38
N PHE C 92 9.79 33.41 -17.49
CA PHE C 92 10.02 34.31 -16.30
C PHE C 92 9.19 35.56 -16.34
N GLY C 93 9.18 36.28 -15.17
CA GLY C 93 8.35 37.50 -14.91
C GLY C 93 8.27 37.74 -13.41
N GLN C 94 8.01 39.00 -12.98
CA GLN C 94 7.98 39.45 -11.55
C GLN C 94 9.24 39.25 -10.74
N SER C 95 9.09 39.32 -9.40
CA SER C 95 10.15 39.07 -8.48
C SER C 95 9.44 38.72 -7.21
N GLY C 96 10.24 38.33 -6.22
CA GLY C 96 9.82 37.84 -4.95
C GLY C 96 10.69 38.43 -3.85
N ALA C 97 10.97 37.73 -2.69
CA ALA C 97 11.78 38.13 -1.59
C ALA C 97 11.38 39.43 -0.96
N GLY C 98 10.05 39.63 -0.91
CA GLY C 98 9.49 40.71 -0.15
C GLY C 98 9.41 40.52 1.32
N ASN C 99 8.58 41.37 2.00
CA ASN C 99 8.63 41.42 3.46
C ASN C 99 7.18 41.54 4.02
N ASN C 100 7.08 41.25 5.33
CA ASN C 100 5.91 41.30 6.15
C ASN C 100 4.91 40.18 5.79
N TRP C 101 4.69 39.14 6.64
CA TRP C 101 3.72 38.08 6.44
C TRP C 101 2.34 38.51 6.08
N ALA C 102 1.70 39.41 6.83
CA ALA C 102 0.36 39.86 6.51
C ALA C 102 0.22 40.62 5.16
N LYS C 103 1.20 41.48 4.83
CA LYS C 103 1.36 42.10 3.51
C LYS C 103 1.59 41.05 2.36
N GLY C 104 2.35 40.03 2.64
CA GLY C 104 2.74 39.00 1.65
C GLY C 104 1.57 38.10 1.31
N HIS C 105 0.66 37.83 2.27
CA HIS C 105 -0.56 37.00 2.08
C HIS C 105 -1.57 37.71 1.23
N TYR C 106 -1.68 39.08 1.31
CA TYR C 106 -2.73 39.87 0.78
C TYR C 106 -2.14 40.73 -0.34
N THR C 107 -1.78 41.95 -0.15
CA THR C 107 -1.34 42.92 -1.17
C THR C 107 -0.21 42.42 -2.04
N GLU C 108 0.93 41.90 -1.59
CA GLU C 108 1.98 41.58 -2.52
C GLU C 108 1.73 40.24 -3.07
N GLY C 109 0.94 39.35 -2.42
CA GLY C 109 0.82 37.98 -2.91
C GLY C 109 -0.16 37.96 -4.12
N ALA C 110 -1.20 38.86 -4.03
CA ALA C 110 -2.24 39.03 -5.05
C ALA C 110 -1.71 39.19 -6.44
N GLU C 111 -0.60 39.90 -6.63
CA GLU C 111 -0.02 40.21 -7.91
C GLU C 111 0.89 39.03 -8.42
N LEU C 112 1.72 38.54 -7.53
CA LEU C 112 2.69 37.43 -7.72
C LEU C 112 1.96 36.15 -8.04
N VAL C 113 0.91 35.79 -7.28
CA VAL C 113 0.30 34.51 -7.47
C VAL C 113 -0.37 34.40 -8.85
N ASP C 114 -0.95 35.47 -9.45
CA ASP C 114 -1.65 35.57 -10.70
C ASP C 114 -0.75 35.21 -11.88
N SER C 115 0.47 35.83 -11.91
CA SER C 115 1.51 35.55 -12.94
C SER C 115 1.98 34.14 -12.86
N VAL C 116 2.20 33.52 -11.64
CA VAL C 116 2.66 32.19 -11.35
C VAL C 116 1.58 31.15 -11.64
N LEU C 117 0.30 31.37 -11.19
CA LEU C 117 -0.79 30.39 -11.29
C LEU C 117 -1.23 30.14 -12.75
N ASP C 118 -1.05 31.21 -13.56
CA ASP C 118 -1.40 31.09 -14.90
C ASP C 118 -0.42 30.25 -15.76
N VAL C 119 0.87 30.20 -15.40
CA VAL C 119 1.79 29.23 -15.89
C VAL C 119 1.30 27.79 -15.73
N VAL C 120 0.99 27.41 -14.50
CA VAL C 120 0.62 26.10 -14.08
C VAL C 120 -0.67 25.74 -14.82
N ARG C 121 -1.64 26.61 -14.92
CA ARG C 121 -2.92 26.33 -15.53
C ARG C 121 -2.92 25.80 -16.88
N LYS C 122 -2.06 26.37 -17.76
CA LYS C 122 -1.82 25.87 -19.10
C LYS C 122 -1.06 24.55 -19.02
N GLU C 123 -0.05 24.40 -18.14
CA GLU C 123 0.83 23.24 -18.11
C GLU C 123 0.18 22.01 -17.63
N SER C 124 -0.56 22.16 -16.41
CA SER C 124 -1.32 21.11 -15.74
C SER C 124 -2.19 20.19 -16.58
N GLU C 125 -3.09 20.76 -17.46
CA GLU C 125 -4.05 20.04 -18.32
C GLU C 125 -3.49 19.68 -19.65
N SER C 126 -2.20 19.94 -19.93
CA SER C 126 -1.45 19.64 -21.15
C SER C 126 -0.52 18.54 -20.92
N CYS C 127 -0.38 17.99 -19.67
CA CYS C 127 0.50 16.82 -19.36
C CYS C 127 -0.57 15.65 -19.03
N ASP C 128 -0.89 14.78 -20.03
CA ASP C 128 -1.80 13.71 -19.80
C ASP C 128 -1.17 12.41 -19.23
N CYS C 129 0.14 12.32 -19.17
CA CYS C 129 0.81 11.20 -18.51
C CYS C 129 1.23 11.45 -17.08
N LEU C 130 1.04 12.64 -16.54
CA LEU C 130 1.40 13.12 -15.23
C LEU C 130 1.01 12.12 -14.17
N GLN C 131 2.01 11.54 -13.54
CA GLN C 131 1.77 10.62 -12.39
C GLN C 131 2.01 11.46 -11.12
N GLY C 132 2.36 12.68 -11.25
CA GLY C 132 2.38 13.64 -10.14
C GLY C 132 3.18 14.95 -10.23
N PHE C 133 2.91 15.88 -9.27
CA PHE C 133 3.63 17.12 -9.05
C PHE C 133 4.62 17.13 -7.92
N GLN C 134 5.89 17.65 -8.13
CA GLN C 134 6.94 17.68 -7.12
C GLN C 134 7.12 19.11 -6.71
N LEU C 135 7.09 19.50 -5.39
CA LEU C 135 7.15 20.88 -4.91
C LEU C 135 8.27 21.13 -3.92
N THR C 136 9.30 21.98 -4.32
CA THR C 136 10.42 22.38 -3.54
C THR C 136 10.18 23.79 -3.25
N HIS C 137 9.90 23.94 -1.92
CA HIS C 137 9.48 25.10 -1.28
C HIS C 137 10.40 25.60 -0.16
N SER C 138 10.65 26.92 -0.02
CA SER C 138 11.39 27.50 1.11
C SER C 138 10.63 28.70 1.53
N LEU C 139 11.14 29.25 2.65
CA LEU C 139 10.50 30.21 3.57
C LEU C 139 11.00 31.59 3.37
N GLY C 140 11.89 31.92 2.42
CA GLY C 140 12.47 33.22 2.15
C GLY C 140 11.61 34.46 2.22
N GLY C 141 11.87 35.39 3.18
CA GLY C 141 11.05 36.60 3.44
C GLY C 141 9.62 36.33 3.60
N GLY C 142 8.83 37.39 3.39
CA GLY C 142 7.39 37.30 3.44
C GLY C 142 6.80 36.56 2.31
N THR C 143 7.60 36.40 1.22
CA THR C 143 7.18 35.77 -0.02
C THR C 143 7.17 34.25 0.20
N GLY C 144 8.21 33.63 0.80
CA GLY C 144 8.34 32.20 0.94
C GLY C 144 7.44 31.72 2.10
N SER C 145 6.93 32.56 2.98
CA SER C 145 6.12 32.23 4.12
C SER C 145 4.70 32.57 3.81
N GLY C 146 4.24 33.88 3.99
CA GLY C 146 2.88 34.27 3.91
C GLY C 146 2.31 34.21 2.47
N MET C 147 3.12 34.64 1.52
CA MET C 147 2.73 34.44 0.10
C MET C 147 2.60 33.00 -0.31
N GLY C 148 3.52 32.23 0.25
CA GLY C 148 3.70 30.85 0.04
C GLY C 148 2.60 30.03 0.59
N THR C 149 2.15 30.30 1.84
CA THR C 149 0.94 29.65 2.37
C THR C 149 -0.41 29.86 1.52
N LEU C 150 -0.69 31.06 1.08
CA LEU C 150 -1.61 31.41 -0.02
C LEU C 150 -1.38 30.61 -1.23
N LEU C 151 -0.14 30.48 -1.61
CA LEU C 151 0.15 29.74 -2.83
C LEU C 151 -0.25 28.32 -2.76
N ILE C 152 0.15 27.56 -1.68
CA ILE C 152 -0.09 26.16 -1.51
C ILE C 152 -1.63 26.01 -1.53
N SER C 153 -2.40 26.85 -0.71
CA SER C 153 -3.87 26.95 -0.53
C SER C 153 -4.61 27.12 -1.90
N LYS C 154 -4.20 28.14 -2.72
CA LYS C 154 -4.63 28.50 -4.04
C LYS C 154 -4.39 27.37 -5.04
N ILE C 155 -3.21 26.69 -5.06
CA ILE C 155 -2.87 25.61 -5.92
C ILE C 155 -3.65 24.33 -5.51
N ARG C 156 -3.76 23.95 -4.20
CA ARG C 156 -4.52 22.83 -3.82
C ARG C 156 -6.05 22.95 -3.95
N GLU C 157 -6.58 24.21 -4.06
CA GLU C 157 -7.96 24.50 -4.39
C GLU C 157 -8.21 24.26 -5.94
N GLU C 158 -7.26 24.64 -6.84
CA GLU C 158 -7.30 24.36 -8.22
C GLU C 158 -7.19 22.82 -8.51
N TYR C 159 -6.34 22.11 -7.77
CA TYR C 159 -6.01 20.66 -8.00
C TYR C 159 -6.06 19.77 -6.76
N PRO C 160 -7.24 19.46 -6.24
CA PRO C 160 -7.29 18.57 -5.05
C PRO C 160 -7.13 17.11 -5.49
N ASP C 161 -7.38 16.72 -6.72
CA ASP C 161 -7.27 15.39 -7.30
C ASP C 161 -5.91 14.94 -7.84
N ARG C 162 -4.90 15.85 -7.95
CA ARG C 162 -3.59 15.68 -8.48
C ARG C 162 -2.63 15.47 -7.34
N ILE C 163 -1.72 14.46 -7.45
CA ILE C 163 -0.81 14.01 -6.42
C ILE C 163 0.29 14.97 -6.24
N MET C 164 0.49 15.39 -5.00
CA MET C 164 1.45 16.39 -4.58
C MET C 164 2.46 15.98 -3.53
N ASN C 165 3.68 16.32 -3.71
CA ASN C 165 4.77 16.07 -2.72
C ASN C 165 5.49 17.28 -2.40
N THR C 166 5.51 17.74 -1.13
CA THR C 166 6.12 18.94 -0.74
C THR C 166 7.40 18.59 -0.02
N PHE C 167 8.53 18.95 -0.60
CA PHE C 167 9.81 19.01 0.14
C PHE C 167 10.08 20.46 0.53
N SER C 168 10.34 20.75 1.83
CA SER C 168 10.38 22.03 2.42
C SER C 168 11.79 22.26 2.88
N VAL C 169 12.45 23.34 2.44
CA VAL C 169 13.82 23.61 2.91
C VAL C 169 13.57 24.55 4.04
N VAL C 170 13.87 24.22 5.30
CA VAL C 170 13.51 24.99 6.46
C VAL C 170 14.81 25.26 7.22
N PRO C 171 15.19 26.55 7.43
CA PRO C 171 16.02 26.88 8.59
C PRO C 171 15.52 26.30 9.97
N SER C 172 16.42 25.57 10.66
CA SER C 172 16.21 24.70 11.83
C SER C 172 15.02 25.06 12.68
N PRO C 173 14.04 24.16 12.81
CA PRO C 173 12.76 24.60 13.32
C PRO C 173 12.77 25.15 14.72
N LYS C 174 12.31 26.41 14.84
CA LYS C 174 12.27 27.40 15.93
C LYS C 174 13.39 27.31 16.96
N VAL C 175 14.66 27.76 16.62
CA VAL C 175 15.77 27.85 17.57
C VAL C 175 16.00 29.33 17.88
N SER C 176 16.04 29.65 19.17
CA SER C 176 16.30 30.97 19.82
C SER C 176 15.10 31.86 19.65
N ASP C 177 15.00 32.89 20.48
CA ASP C 177 13.77 33.68 20.63
C ASP C 177 13.43 34.58 19.42
N THR C 178 12.10 34.87 19.35
CA THR C 178 11.43 35.60 18.32
C THR C 178 10.57 36.73 18.93
N VAL C 179 10.27 37.77 18.10
CA VAL C 179 9.49 38.93 18.64
C VAL C 179 8.07 38.77 18.49
N VAL C 180 7.45 39.12 17.35
CA VAL C 180 6.01 39.04 17.14
C VAL C 180 5.65 37.96 16.13
N GLU C 181 6.68 37.13 15.79
CA GLU C 181 6.51 35.95 14.97
C GLU C 181 5.53 34.91 15.44
N PRO C 182 5.40 34.54 16.77
CA PRO C 182 4.71 33.34 17.16
C PRO C 182 3.22 33.26 16.68
N TYR C 183 2.44 34.37 16.78
CA TYR C 183 1.13 34.29 16.13
C TYR C 183 1.12 34.08 14.59
N ASN C 184 2.00 34.85 13.92
CA ASN C 184 2.23 34.81 12.49
C ASN C 184 2.66 33.38 12.06
N ALA C 185 3.58 32.71 12.76
CA ALA C 185 4.07 31.43 12.44
C ALA C 185 3.11 30.24 12.71
N THR C 186 2.35 30.32 13.84
CA THR C 186 1.28 29.35 14.04
C THR C 186 0.08 29.59 13.11
N LEU C 187 -0.24 30.78 12.71
CA LEU C 187 -1.13 31.04 11.54
C LEU C 187 -0.53 30.43 10.29
N SER C 188 0.76 30.59 9.97
CA SER C 188 1.41 29.90 8.80
C SER C 188 1.38 28.42 8.81
N VAL C 189 1.79 27.84 9.94
CA VAL C 189 1.60 26.43 10.21
C VAL C 189 0.16 25.94 10.20
N HIS C 190 -0.81 26.65 10.79
CA HIS C 190 -2.25 26.32 10.61
C HIS C 190 -2.80 26.34 9.17
N GLN C 191 -2.37 27.30 8.30
CA GLN C 191 -2.50 27.26 6.89
C GLN C 191 -1.64 26.09 6.31
N LEU C 192 -0.40 25.81 6.61
CA LEU C 192 0.38 24.67 6.12
C LEU C 192 -0.40 23.38 6.17
N VAL C 193 -0.91 23.00 7.35
CA VAL C 193 -1.42 21.62 7.49
C VAL C 193 -2.85 21.42 6.89
N GLU C 194 -3.64 22.52 6.70
CA GLU C 194 -4.83 22.41 5.87
C GLU C 194 -4.70 22.58 4.40
N ASN C 195 -3.54 22.90 3.95
CA ASN C 195 -3.18 23.10 2.53
C ASN C 195 -2.09 22.19 2.09
N THR C 196 -1.77 21.09 2.72
CA THR C 196 -0.58 20.30 2.43
C THR C 196 -1.00 18.87 2.55
N ASP C 197 -0.66 17.99 1.58
CA ASP C 197 -0.91 16.59 1.68
C ASP C 197 0.24 15.76 2.19
N GLU C 198 1.46 16.05 1.67
CA GLU C 198 2.55 15.09 1.95
C GLU C 198 3.81 15.93 2.14
N THR C 199 4.33 15.92 3.37
CA THR C 199 5.30 16.88 3.80
C THR C 199 6.58 16.30 4.25
N TYR C 200 7.67 16.57 3.48
CA TYR C 200 9.06 16.20 3.87
C TYR C 200 9.84 17.51 4.31
N CYS C 201 10.55 17.45 5.43
CA CYS C 201 11.12 18.71 6.08
C CYS C 201 12.62 18.63 6.18
N ILE C 202 13.35 19.57 5.63
CA ILE C 202 14.85 19.44 5.56
C ILE C 202 15.31 20.56 6.42
N ASP C 203 16.30 20.23 7.35
CA ASP C 203 16.87 21.09 8.31
C ASP C 203 18.25 21.52 7.95
N ASN C 204 18.59 22.82 7.81
CA ASN C 204 19.90 23.29 7.49
C ASN C 204 21.04 22.90 8.43
N GLU C 205 20.83 23.03 9.71
CA GLU C 205 21.81 22.88 10.79
C GLU C 205 22.08 21.38 11.15
N ALA C 206 21.23 20.38 10.77
CA ALA C 206 21.55 19.00 10.72
C ALA C 206 22.50 18.70 9.55
N LEU C 207 22.28 19.47 8.40
CA LEU C 207 23.28 19.46 7.37
C LEU C 207 24.65 19.90 7.88
N TYR C 208 24.65 21.01 8.64
CA TYR C 208 25.95 21.54 9.18
C TYR C 208 26.65 20.55 10.10
N ASP C 209 25.92 19.79 10.92
CA ASP C 209 26.39 18.72 11.76
C ASP C 209 27.06 17.56 11.03
N ILE C 210 26.30 17.04 10.09
CA ILE C 210 26.87 16.06 9.16
C ILE C 210 28.01 16.63 8.34
N CYS C 211 27.99 17.93 7.86
CA CYS C 211 29.17 18.45 7.24
C CYS C 211 30.41 18.44 8.16
N PHE C 212 30.30 18.90 9.42
CA PHE C 212 31.51 19.00 10.19
C PHE C 212 31.97 17.67 10.63
N ARG C 213 31.03 16.72 11.00
CA ARG C 213 31.46 15.40 11.40
C ARG C 213 31.67 14.42 10.26
N THR C 214 30.70 14.09 9.39
CA THR C 214 30.77 12.90 8.59
C THR C 214 31.56 13.14 7.38
N LEU C 215 31.30 14.29 6.76
CA LEU C 215 31.96 14.75 5.59
C LEU C 215 33.37 15.27 5.79
N LYS C 216 33.70 15.52 7.06
CA LYS C 216 34.89 16.23 7.55
C LYS C 216 35.29 17.52 6.78
N LEU C 217 34.40 18.48 6.59
CA LEU C 217 34.63 19.78 5.96
C LEU C 217 34.29 20.81 6.89
N THR C 218 35.12 21.84 7.05
CA THR C 218 34.87 22.95 7.94
C THR C 218 34.25 24.21 7.31
N THR C 219 34.07 24.33 5.96
CA THR C 219 33.26 25.33 5.35
C THR C 219 32.01 24.60 4.92
N PRO C 220 30.84 24.93 5.47
CA PRO C 220 29.61 24.15 5.19
C PRO C 220 28.81 24.81 4.11
N THR C 221 29.20 24.73 2.82
CA THR C 221 28.45 25.25 1.71
C THR C 221 27.19 24.61 1.35
N TYR C 222 26.11 25.39 1.18
CA TYR C 222 24.74 24.91 1.24
C TYR C 222 24.34 24.45 -0.18
N GLY C 223 25.12 24.91 -1.18
CA GLY C 223 24.98 24.46 -2.58
C GLY C 223 25.40 22.98 -2.64
N ASP C 224 26.54 22.70 -2.02
CA ASP C 224 27.09 21.33 -1.86
C ASP C 224 26.18 20.44 -1.04
N LEU C 225 25.58 20.96 0.09
CA LEU C 225 24.61 20.23 0.98
C LEU C 225 23.32 20.00 0.13
N ASN C 226 22.78 20.94 -0.65
CA ASN C 226 21.79 20.58 -1.64
C ASN C 226 22.12 19.64 -2.73
N HIS C 227 23.39 19.67 -3.23
CA HIS C 227 23.88 18.73 -4.19
C HIS C 227 24.02 17.32 -3.70
N LEU C 228 24.39 17.06 -2.45
CA LEU C 228 24.31 15.78 -1.71
C LEU C 228 22.85 15.20 -1.56
N VAL C 229 21.90 16.06 -1.09
CA VAL C 229 20.41 15.77 -0.97
C VAL C 229 19.86 15.37 -2.28
N SER C 230 20.23 16.06 -3.36
CA SER C 230 19.76 15.75 -4.74
C SER C 230 20.14 14.38 -5.23
N ALA C 231 21.37 13.97 -4.87
CA ALA C 231 21.97 12.70 -5.20
C ALA C 231 21.10 11.59 -4.50
N THR C 232 20.80 11.80 -3.23
CA THR C 232 19.92 10.95 -2.41
C THR C 232 18.48 10.88 -2.89
N MET C 233 17.86 12.02 -3.30
CA MET C 233 16.57 12.21 -3.91
C MET C 233 16.41 11.38 -5.19
N SER C 234 17.50 11.34 -6.00
CA SER C 234 17.68 10.66 -7.26
C SER C 234 17.56 9.16 -7.06
N GLY C 235 18.21 8.75 -5.97
CA GLY C 235 18.23 7.48 -5.38
C GLY C 235 16.96 6.99 -5.05
N VAL C 236 16.07 7.83 -4.49
CA VAL C 236 14.65 7.40 -4.25
C VAL C 236 13.73 7.19 -5.51
N THR C 237 13.63 8.27 -6.31
CA THR C 237 12.66 8.43 -7.35
C THR C 237 12.91 7.46 -8.47
N THR C 238 14.21 7.17 -8.78
CA THR C 238 14.58 6.28 -9.79
C THR C 238 14.39 4.83 -9.37
N CYS C 239 14.64 4.48 -8.07
CA CYS C 239 14.60 3.14 -7.59
C CYS C 239 13.27 2.49 -7.72
N LEU C 240 12.13 3.25 -7.43
CA LEU C 240 10.80 2.60 -7.39
C LEU C 240 10.22 2.28 -8.75
N ARG C 241 11.06 2.41 -9.82
CA ARG C 241 10.61 2.30 -11.16
C ARG C 241 11.57 1.33 -11.92
N PHE C 242 12.39 0.61 -11.05
CA PHE C 242 13.21 -0.52 -11.53
C PHE C 242 12.39 -1.74 -11.16
N PRO C 243 12.64 -2.91 -11.75
CA PRO C 243 12.17 -4.15 -11.16
C PRO C 243 12.61 -4.44 -9.72
N GLY C 244 11.92 -5.39 -9.06
CA GLY C 244 12.19 -5.68 -7.67
C GLY C 244 10.90 -5.78 -6.93
N GLN C 245 10.70 -6.97 -6.39
CA GLN C 245 9.37 -7.36 -5.79
C GLN C 245 9.01 -6.65 -4.45
N LEU C 246 9.91 -5.86 -3.85
CA LEU C 246 9.58 -5.11 -2.63
C LEU C 246 9.28 -3.66 -2.98
N ASN C 247 9.60 -3.22 -4.19
CA ASN C 247 9.15 -1.92 -4.60
C ASN C 247 7.69 -1.75 -4.78
N ALA C 248 7.20 -0.50 -4.66
CA ALA C 248 5.84 -0.10 -4.35
C ALA C 248 5.47 1.26 -4.85
N ASP C 249 4.15 1.53 -5.02
CA ASP C 249 3.56 2.67 -5.61
C ASP C 249 2.37 3.17 -4.82
N LEU C 250 1.86 4.29 -5.39
CA LEU C 250 0.82 5.18 -4.89
C LEU C 250 0.08 4.88 -3.51
N ARG C 251 -0.88 3.94 -3.40
CA ARG C 251 -1.68 3.83 -2.17
C ARG C 251 -0.92 3.03 -1.12
N LYS C 252 0.10 2.15 -1.51
CA LYS C 252 0.90 1.33 -0.62
C LYS C 252 1.94 2.24 0.02
N LEU C 253 2.52 3.22 -0.66
CA LEU C 253 3.37 4.27 -0.07
C LEU C 253 2.62 5.21 0.80
N ALA C 254 1.44 5.59 0.35
CA ALA C 254 0.62 6.46 1.13
C ALA C 254 0.12 6.05 2.52
N VAL C 255 -0.38 4.81 2.67
CA VAL C 255 -0.87 4.27 3.88
C VAL C 255 0.27 4.03 4.86
N ASN C 256 1.43 3.78 4.28
CA ASN C 256 2.55 3.60 5.11
C ASN C 256 3.07 4.94 5.75
N MET C 257 3.08 6.02 5.01
CA MET C 257 3.52 7.26 5.55
C MET C 257 2.68 7.81 6.66
N VAL C 258 1.32 7.65 6.59
CA VAL C 258 0.42 8.03 7.65
C VAL C 258 -0.52 6.81 7.97
N PRO C 259 -0.14 5.92 8.95
CA PRO C 259 -1.01 4.81 9.30
C PRO C 259 -2.15 5.36 10.10
N PHE C 260 -2.01 6.56 10.75
CA PHE C 260 -3.18 7.16 11.37
C PHE C 260 -3.22 8.55 10.79
N PRO C 261 -4.24 8.83 9.96
CA PRO C 261 -4.13 10.03 9.17
C PRO C 261 -4.67 11.30 9.79
N ARG C 262 -3.81 12.13 10.37
CA ARG C 262 -3.99 13.58 10.42
C ARG C 262 -2.54 13.92 10.05
N LEU C 263 -2.28 14.94 9.20
CA LEU C 263 -0.98 15.18 8.66
C LEU C 263 0.07 15.32 9.79
N HIS C 264 1.25 14.67 9.45
CA HIS C 264 2.43 14.50 10.28
C HIS C 264 3.62 14.84 9.49
N PHE C 265 4.71 15.33 10.10
CA PHE C 265 5.97 15.66 9.37
C PHE C 265 6.90 14.39 9.09
N PHE C 266 7.63 14.44 7.92
CA PHE C 266 8.45 13.25 7.56
C PHE C 266 9.90 13.66 7.38
N MET C 267 10.76 12.89 8.04
CA MET C 267 12.10 13.25 8.47
C MET C 267 13.23 12.52 7.76
N PRO C 268 13.98 13.12 6.88
CA PRO C 268 15.16 12.49 6.26
C PRO C 268 16.33 12.20 7.11
N GLY C 269 16.94 11.02 6.84
CA GLY C 269 18.26 10.65 7.41
C GLY C 269 19.04 9.85 6.42
N PHE C 270 20.14 9.29 6.93
CA PHE C 270 21.25 8.85 6.06
C PHE C 270 21.44 7.39 6.32
N ALA C 271 21.94 6.70 5.29
CA ALA C 271 22.23 5.35 5.37
C ALA C 271 23.70 5.05 5.39
N PRO C 272 24.51 4.72 4.37
CA PRO C 272 25.67 3.81 4.55
C PRO C 272 26.80 4.59 5.01
N LEU C 273 26.81 5.95 4.82
CA LEU C 273 27.98 6.71 4.70
C LEU C 273 28.73 7.01 5.97
N THR C 274 30.08 6.93 5.88
CA THR C 274 30.99 7.45 6.87
C THR C 274 31.59 8.78 6.29
N SER C 275 31.42 8.99 4.98
CA SER C 275 31.81 10.18 4.29
C SER C 275 30.97 10.14 3.05
N ARG C 276 30.82 11.32 2.44
CA ARG C 276 30.45 11.49 1.03
C ARG C 276 31.24 12.66 0.47
N GLY C 277 31.69 12.77 -0.81
CA GLY C 277 32.32 13.95 -1.36
C GLY C 277 33.71 14.21 -0.92
N SER C 278 34.27 13.34 -0.04
CA SER C 278 35.66 13.42 0.35
C SER C 278 36.06 12.09 0.98
N GLN C 279 37.36 11.81 1.30
CA GLN C 279 37.78 10.51 1.95
C GLN C 279 37.70 9.33 0.90
N GLN C 280 38.67 8.42 0.89
CA GLN C 280 38.66 7.29 0.02
C GLN C 280 37.52 6.37 0.31
N TYR C 281 37.38 5.78 1.50
CA TYR C 281 36.19 4.93 1.90
C TYR C 281 34.95 5.80 2.25
N ARG C 282 33.77 5.43 1.73
CA ARG C 282 32.57 6.19 1.93
C ARG C 282 31.41 5.28 2.21
N ALA C 283 31.76 4.01 2.38
CA ALA C 283 30.94 2.97 2.94
C ALA C 283 29.80 2.33 2.04
N LEU C 284 29.53 1.02 2.23
CA LEU C 284 28.67 0.28 1.33
C LEU C 284 28.00 -0.99 1.95
N THR C 285 28.20 -1.53 3.17
CA THR C 285 27.65 -2.82 3.48
C THR C 285 26.43 -2.81 4.44
N VAL C 286 25.77 -3.99 4.64
CA VAL C 286 24.55 -4.08 5.43
C VAL C 286 24.58 -3.57 6.89
N PRO C 287 25.59 -3.72 7.73
CA PRO C 287 25.74 -3.08 9.06
C PRO C 287 25.98 -1.63 8.94
N GLU C 288 26.75 -1.09 7.96
CA GLU C 288 27.09 0.32 7.74
C GLU C 288 25.89 1.10 7.42
N LEU C 289 25.06 0.43 6.58
CA LEU C 289 23.72 1.02 6.12
C LEU C 289 22.81 1.23 7.30
N THR C 290 22.68 0.18 8.18
CA THR C 290 21.72 0.10 9.28
C THR C 290 22.20 0.89 10.41
N GLN C 291 23.49 1.07 10.68
CA GLN C 291 24.04 1.74 11.76
C GLN C 291 23.54 3.13 11.94
N GLN C 292 23.45 3.91 10.82
CA GLN C 292 23.01 5.22 10.89
C GLN C 292 21.47 5.29 11.03
N MET C 293 20.67 4.31 10.52
CA MET C 293 19.28 4.22 10.76
C MET C 293 18.88 4.02 12.22
N PHE C 294 19.73 3.47 13.08
CA PHE C 294 19.48 3.16 14.48
C PHE C 294 20.33 4.04 15.33
N ASP C 295 20.93 5.16 14.79
CA ASP C 295 21.51 6.23 15.54
C ASP C 295 20.45 7.30 15.73
N ALA C 296 20.76 8.54 15.93
CA ALA C 296 19.84 9.61 16.16
C ALA C 296 20.27 10.92 15.65
N LYS C 297 21.59 11.07 15.27
CA LYS C 297 22.22 12.31 15.06
C LYS C 297 22.37 12.70 13.54
N ASN C 298 21.66 11.97 12.62
CA ASN C 298 21.68 12.26 11.16
C ASN C 298 20.38 12.82 10.63
N MET C 299 19.32 12.70 11.41
CA MET C 299 17.97 12.81 10.97
C MET C 299 17.63 14.38 10.91
N MET C 300 16.61 14.87 10.13
CA MET C 300 16.28 16.31 9.95
C MET C 300 15.29 16.67 10.99
N ALA C 301 15.30 17.96 11.41
CA ALA C 301 14.20 18.70 12.06
C ALA C 301 14.52 18.81 13.68
N ALA C 302 15.11 19.92 14.13
CA ALA C 302 15.36 20.07 15.59
C ALA C 302 14.28 20.09 16.62
N CYS C 303 13.75 18.86 16.89
CA CYS C 303 12.50 18.75 17.67
C CYS C 303 12.50 17.46 18.44
N ASP C 304 13.60 16.65 18.35
CA ASP C 304 13.78 15.33 18.94
C ASP C 304 12.60 14.42 19.18
N PRO C 305 12.06 13.73 18.13
CA PRO C 305 10.92 12.88 18.30
C PRO C 305 11.30 11.46 18.89
N ARG C 306 12.53 10.92 18.73
CA ARG C 306 12.96 9.53 18.94
C ARG C 306 12.95 9.08 20.40
N HIS C 307 13.25 9.92 21.35
CA HIS C 307 13.09 9.69 22.79
C HIS C 307 11.67 9.41 23.20
N GLY C 308 10.68 9.93 22.46
CA GLY C 308 9.32 9.82 22.98
C GLY C 308 8.70 8.53 22.58
N ARG C 309 9.13 8.10 21.38
CA ARG C 309 8.63 6.92 20.65
C ARG C 309 9.34 6.95 19.32
N TYR C 310 9.85 5.86 18.75
CA TYR C 310 10.66 5.97 17.53
C TYR C 310 9.82 6.17 16.21
N LEU C 311 8.62 5.63 16.14
CA LEU C 311 7.66 5.68 14.97
C LEU C 311 8.15 5.18 13.63
N THR C 312 7.23 4.91 12.66
CA THR C 312 7.41 4.12 11.43
C THR C 312 8.52 4.66 10.56
N VAL C 313 9.32 3.74 9.96
CA VAL C 313 10.45 3.98 9.03
C VAL C 313 10.30 3.44 7.62
N ALA C 314 10.36 4.36 6.59
CA ALA C 314 10.42 3.98 5.19
C ALA C 314 11.97 3.92 4.73
N ALA C 315 12.42 2.80 4.14
CA ALA C 315 13.78 2.71 3.71
C ALA C 315 13.84 2.31 2.28
N VAL C 316 14.63 2.98 1.44
CA VAL C 316 14.69 2.76 0.08
C VAL C 316 16.18 2.51 -0.40
N PHE C 317 16.44 1.28 -0.81
CA PHE C 317 17.80 0.83 -1.20
C PHE C 317 18.10 0.66 -2.67
N ARG C 318 19.29 1.02 -3.13
CA ARG C 318 19.80 0.67 -4.50
C ARG C 318 21.15 -0.03 -4.46
N GLY C 319 21.33 -1.30 -4.97
CA GLY C 319 22.60 -2.09 -4.89
C GLY C 319 22.41 -3.52 -4.68
N ARG C 320 23.43 -4.30 -5.08
CA ARG C 320 23.32 -5.80 -4.95
C ARG C 320 23.52 -6.15 -3.51
N MET C 321 22.55 -6.85 -2.98
CA MET C 321 22.68 -7.56 -1.68
C MET C 321 21.76 -8.86 -1.40
N SER C 322 22.19 -9.62 -0.37
CA SER C 322 21.39 -10.70 0.23
C SER C 322 20.18 -10.14 0.92
N MET C 323 19.00 -10.43 0.39
CA MET C 323 17.67 -9.95 0.86
C MET C 323 17.45 -10.45 2.25
N LYS C 324 17.84 -11.72 2.48
CA LYS C 324 17.85 -12.42 3.74
C LYS C 324 18.81 -11.86 4.81
N GLU C 325 20.09 -11.55 4.42
CA GLU C 325 20.99 -10.81 5.34
C GLU C 325 20.56 -9.50 5.96
N VAL C 326 20.13 -8.55 5.13
CA VAL C 326 19.39 -7.37 5.55
C VAL C 326 18.24 -7.68 6.46
N ASP C 327 17.41 -8.74 6.30
CA ASP C 327 16.30 -9.07 7.18
C ASP C 327 16.82 -9.67 8.52
N GLU C 328 17.88 -10.50 8.51
CA GLU C 328 18.61 -10.83 9.77
C GLU C 328 19.31 -9.73 10.57
N GLN C 329 20.01 -8.79 9.88
CA GLN C 329 20.48 -7.57 10.40
C GLN C 329 19.36 -6.65 10.79
N MET C 330 18.13 -6.71 10.10
CA MET C 330 17.06 -5.85 10.60
C MET C 330 16.43 -6.46 11.88
N LEU C 331 16.38 -7.85 12.00
CA LEU C 331 15.90 -8.47 13.26
C LEU C 331 16.81 -8.06 14.47
N ASN C 332 18.16 -8.09 14.23
CA ASN C 332 19.05 -7.46 15.18
C ASN C 332 18.70 -6.10 15.62
N VAL C 333 18.70 -5.13 14.67
CA VAL C 333 18.52 -3.72 15.19
C VAL C 333 17.11 -3.32 15.65
N GLN C 334 16.06 -4.05 15.22
CA GLN C 334 14.73 -3.80 15.72
C GLN C 334 14.51 -4.32 17.13
N ASN C 335 15.33 -5.26 17.59
CA ASN C 335 15.27 -5.70 19.03
C ASN C 335 16.39 -5.05 19.97
N LYS C 336 17.16 -4.12 19.42
CA LYS C 336 17.83 -3.08 20.15
C LYS C 336 16.82 -1.94 20.47
N ASN C 337 15.96 -1.55 19.53
CA ASN C 337 14.86 -0.63 19.69
C ASN C 337 13.57 -1.21 20.35
N SER C 338 13.39 -2.54 20.37
CA SER C 338 12.18 -3.26 20.80
C SER C 338 10.77 -2.72 20.34
N SER C 339 9.78 -2.82 21.15
CA SER C 339 8.43 -2.27 21.04
C SER C 339 8.30 -0.81 21.35
N TYR C 340 9.39 -0.01 21.12
CA TYR C 340 9.54 1.38 21.43
C TYR C 340 9.29 2.18 20.20
N PHE C 341 8.74 1.57 19.10
CA PHE C 341 8.24 2.30 17.97
C PHE C 341 6.87 2.90 18.24
N VAL C 342 5.99 2.07 18.77
CA VAL C 342 4.74 2.43 19.37
C VAL C 342 4.31 1.07 20.07
N GLU C 343 3.54 1.21 21.18
CA GLU C 343 3.01 0.13 21.94
C GLU C 343 2.16 -0.79 21.13
N TRP C 344 1.29 -0.21 20.33
CA TRP C 344 0.25 -0.77 19.63
C TRP C 344 0.76 -1.82 18.58
N ILE C 345 1.94 -1.50 17.92
CA ILE C 345 2.59 -2.27 16.82
C ILE C 345 4.04 -2.63 16.98
N PRO C 346 4.46 -3.77 17.43
CA PRO C 346 5.90 -4.08 17.49
C PRO C 346 6.40 -4.34 16.10
N ASN C 347 7.68 -4.05 15.91
CA ASN C 347 8.35 -3.71 14.65
C ASN C 347 7.61 -2.74 13.80
N ASN C 348 8.31 -1.74 13.24
CA ASN C 348 7.73 -0.64 12.51
C ASN C 348 8.75 -0.04 11.54
N VAL C 349 9.27 -0.83 10.63
CA VAL C 349 10.13 -0.50 9.49
C VAL C 349 9.72 -1.37 8.25
N LYS C 350 9.56 -0.73 7.11
CA LYS C 350 9.24 -1.35 5.84
C LYS C 350 10.17 -0.91 4.84
N THR C 351 10.82 -1.81 4.05
CA THR C 351 11.80 -1.49 3.03
C THR C 351 11.35 -1.69 1.57
N ALA C 352 12.10 -1.02 0.64
CA ALA C 352 11.92 -1.06 -0.78
C ALA C 352 13.33 -1.12 -1.47
N VAL C 353 13.68 -2.21 -2.30
CA VAL C 353 15.06 -2.56 -2.66
C VAL C 353 15.17 -2.80 -4.16
N CYS C 354 16.21 -2.27 -4.79
CA CYS C 354 16.61 -2.82 -6.10
C CYS C 354 18.02 -3.24 -6.33
N ASP C 355 18.11 -4.21 -7.19
CA ASP C 355 19.46 -4.82 -7.49
C ASP C 355 20.49 -4.00 -8.25
N ILE C 356 20.01 -3.20 -9.16
CA ILE C 356 20.82 -2.39 -10.02
C ILE C 356 21.42 -1.16 -9.28
N PRO C 357 22.79 -0.96 -9.20
CA PRO C 357 23.54 -0.12 -8.26
C PRO C 357 23.31 1.42 -8.51
N PRO C 358 23.62 2.56 -7.84
CA PRO C 358 23.60 3.95 -8.44
C PRO C 358 24.85 4.49 -9.28
N ARG C 359 24.83 5.64 -10.08
CA ARG C 359 25.88 6.14 -11.04
C ARG C 359 27.32 5.68 -10.88
N GLY C 360 28.18 6.39 -10.08
CA GLY C 360 29.44 5.73 -9.67
C GLY C 360 29.42 5.10 -8.28
N LEU C 361 28.23 4.79 -7.70
CA LEU C 361 28.21 4.27 -6.34
C LEU C 361 27.95 2.76 -6.44
N LYS C 362 28.41 2.00 -5.45
CA LYS C 362 28.22 0.57 -5.50
C LYS C 362 26.85 0.24 -4.74
N MET C 363 26.57 0.87 -3.59
CA MET C 363 25.38 0.60 -2.81
C MET C 363 25.08 1.88 -2.07
N SER C 364 23.82 2.17 -1.95
CA SER C 364 23.37 3.32 -1.11
C SER C 364 21.89 3.14 -0.87
N ALA C 365 21.30 4.00 -0.03
CA ALA C 365 19.97 3.82 0.50
C ALA C 365 19.48 5.10 1.11
N THR C 366 18.22 5.25 1.48
CA THR C 366 17.84 6.39 2.32
C THR C 366 17.01 5.88 3.48
N PHE C 367 16.78 6.73 4.51
CA PHE C 367 15.93 6.54 5.72
C PHE C 367 14.94 7.69 5.60
N ILE C 368 13.65 7.38 5.73
CA ILE C 368 12.68 8.49 5.93
C ILE C 368 11.81 8.14 7.06
N GLY C 369 12.08 8.77 8.21
CA GLY C 369 11.30 8.58 9.44
C GLY C 369 10.13 9.61 9.60
N ASN C 370 9.45 9.44 10.80
CA ASN C 370 8.05 9.82 10.99
C ASN C 370 7.78 10.64 12.31
N SER C 371 6.92 11.67 12.39
CA SER C 371 6.69 12.59 13.48
C SER C 371 5.78 12.00 14.55
N THR C 372 6.28 11.75 15.73
CA THR C 372 5.60 11.46 16.97
C THR C 372 6.32 12.28 18.00
N ALA C 373 5.69 12.58 19.14
CA ALA C 373 6.32 13.12 20.32
C ALA C 373 7.07 14.33 20.17
N ILE C 374 6.57 15.41 19.46
CA ILE C 374 7.18 16.73 19.15
C ILE C 374 6.49 17.95 19.66
N GLN C 375 5.76 17.82 20.79
CA GLN C 375 5.19 18.95 21.61
C GLN C 375 6.25 19.91 22.11
N GLU C 376 7.51 19.44 22.26
CA GLU C 376 8.62 20.30 22.70
C GLU C 376 8.83 21.54 21.75
N LEU C 377 8.71 21.38 20.43
CA LEU C 377 8.84 22.41 19.37
C LEU C 377 7.72 23.45 19.57
N PHE C 378 6.45 23.02 19.92
CA PHE C 378 5.16 23.78 19.85
C PHE C 378 5.01 24.51 21.19
N LYS C 379 5.53 23.87 22.26
CA LYS C 379 5.87 24.56 23.52
C LYS C 379 7.00 25.51 23.41
N ARG C 380 8.17 25.21 22.75
CA ARG C 380 9.23 26.18 22.51
C ARG C 380 8.83 27.46 21.68
N ILE C 381 8.01 27.44 20.64
CA ILE C 381 7.53 28.69 20.00
C ILE C 381 6.66 29.55 20.91
N SER C 382 5.80 28.91 21.76
CA SER C 382 5.01 29.66 22.79
C SER C 382 5.90 30.24 23.91
N GLU C 383 6.92 29.48 24.44
CA GLU C 383 7.78 29.92 25.42
C GLU C 383 8.72 31.13 24.99
N GLN C 384 9.30 31.05 23.71
CA GLN C 384 10.05 32.16 23.17
C GLN C 384 9.27 33.40 22.95
N PHE C 385 7.98 33.32 22.72
CA PHE C 385 7.07 34.50 22.61
C PHE C 385 6.94 35.38 23.90
N THR C 386 6.81 34.83 25.15
CA THR C 386 6.25 35.55 26.30
C THR C 386 6.72 36.95 26.60
N ALA C 387 8.04 37.15 26.61
CA ALA C 387 8.63 38.49 26.93
C ALA C 387 8.22 39.56 25.95
N MET C 388 8.09 39.23 24.68
CA MET C 388 7.70 40.15 23.66
C MET C 388 6.15 40.21 23.45
N PHE C 389 5.37 39.19 23.86
CA PHE C 389 3.93 39.19 23.91
C PHE C 389 3.46 40.16 24.99
N ARG C 390 4.21 40.29 26.10
CA ARG C 390 4.01 41.32 27.13
C ARG C 390 4.35 42.78 26.64
N ARG C 391 5.49 42.90 25.99
CA ARG C 391 6.02 44.24 25.67
C ARG C 391 5.40 44.81 24.42
N LYS C 392 4.97 43.94 23.51
CA LYS C 392 4.23 44.08 22.27
C LYS C 392 4.23 45.41 21.55
N ALA C 393 5.38 45.70 20.85
CA ALA C 393 5.52 46.95 20.10
C ALA C 393 5.61 46.87 18.63
N PHE C 394 5.13 45.79 17.97
CA PHE C 394 5.46 45.58 16.61
C PHE C 394 4.44 44.73 15.83
N LEU C 395 3.27 44.36 16.47
CA LEU C 395 2.26 43.50 15.84
C LEU C 395 1.19 44.43 15.16
N HIS C 396 1.24 45.68 15.41
CA HIS C 396 0.51 46.76 14.70
C HIS C 396 0.90 46.90 13.31
N TRP C 397 2.20 46.77 12.99
CA TRP C 397 2.78 46.59 11.66
C TRP C 397 2.04 45.53 10.80
N TYR C 398 1.79 44.39 11.45
CA TYR C 398 1.20 43.23 10.83
C TYR C 398 -0.29 43.47 10.64
N THR C 399 -1.08 43.88 11.69
CA THR C 399 -2.55 43.94 11.67
C THR C 399 -3.01 45.03 10.77
N GLY C 400 -2.12 45.99 10.50
CA GLY C 400 -2.42 47.13 9.68
C GLY C 400 -2.14 46.81 8.25
N GLU C 401 -1.81 45.56 7.91
CA GLU C 401 -1.68 45.08 6.50
C GLU C 401 -2.94 44.30 6.09
N GLY C 402 -4.02 44.33 6.87
CA GLY C 402 -5.23 43.57 6.52
C GLY C 402 -5.56 42.39 7.36
N MET C 403 -4.69 42.11 8.42
CA MET C 403 -4.81 40.88 9.23
C MET C 403 -5.68 41.06 10.42
N ASP C 404 -6.78 40.30 10.55
CA ASP C 404 -7.61 40.30 11.75
C ASP C 404 -7.03 39.60 13.02
N GLU C 405 -7.26 40.18 14.21
CA GLU C 405 -6.87 39.60 15.52
C GLU C 405 -7.41 38.17 15.84
N MET C 406 -8.67 37.83 15.45
CA MET C 406 -9.31 36.55 15.71
C MET C 406 -8.64 35.37 15.03
N GLU C 407 -7.97 35.56 13.82
CA GLU C 407 -7.25 34.48 13.08
C GLU C 407 -5.97 34.09 13.81
N PHE C 408 -5.35 35.06 14.43
CA PHE C 408 -4.31 34.80 15.42
C PHE C 408 -4.77 34.03 16.74
N THR C 409 -5.92 34.38 17.25
CA THR C 409 -6.55 33.63 18.40
C THR C 409 -6.79 32.14 18.06
N GLU C 410 -7.40 31.83 16.92
CA GLU C 410 -7.66 30.55 16.39
C GLU C 410 -6.39 29.77 16.19
N ALA C 411 -5.37 30.42 15.68
CA ALA C 411 -4.06 29.89 15.46
C ALA C 411 -3.28 29.33 16.62
N GLU C 412 -3.31 30.06 17.80
CA GLU C 412 -2.83 29.72 19.15
C GLU C 412 -3.64 28.53 19.65
N SER C 413 -4.94 28.46 19.34
CA SER C 413 -5.78 27.33 19.60
C SER C 413 -5.32 26.06 18.92
N ASN C 414 -4.96 26.19 17.66
CA ASN C 414 -4.42 25.15 16.81
C ASN C 414 -3.05 24.64 17.21
N MET C 415 -2.11 25.60 17.54
CA MET C 415 -0.84 25.26 18.22
C MET C 415 -1.01 24.41 19.52
N ASN C 416 -1.92 24.80 20.41
CA ASN C 416 -2.39 24.08 21.63
C ASN C 416 -2.98 22.71 21.32
N ASP C 417 -3.76 22.52 20.27
CA ASP C 417 -4.22 21.26 19.81
C ASP C 417 -3.11 20.40 19.21
N LEU C 418 -2.14 20.96 18.45
CA LEU C 418 -1.00 20.29 18.03
C LEU C 418 -0.05 19.80 19.10
N VAL C 419 0.09 20.58 20.19
CA VAL C 419 0.77 20.14 21.46
C VAL C 419 0.09 18.89 21.98
N SER C 420 -1.25 18.96 22.17
CA SER C 420 -2.19 17.82 22.42
C SER C 420 -2.02 16.57 21.66
N GLU C 421 -2.14 16.62 20.37
CA GLU C 421 -1.94 15.58 19.42
C GLU C 421 -0.67 14.79 19.58
N TYR C 422 0.53 15.51 19.62
CA TYR C 422 1.78 14.85 19.87
C TYR C 422 1.97 14.17 21.22
N GLN C 423 1.51 14.84 22.28
CA GLN C 423 1.38 14.29 23.57
C GLN C 423 0.48 12.99 23.69
N GLN C 424 -0.75 12.99 22.99
CA GLN C 424 -1.68 11.88 22.80
C GLN C 424 -0.98 10.74 22.10
N TYR C 425 -0.21 11.01 21.05
CA TYR C 425 0.48 9.99 20.24
C TYR C 425 1.68 9.34 20.91
N GLN C 426 2.27 10.08 21.87
CA GLN C 426 3.28 9.57 22.77
C GLN C 426 2.81 8.57 23.85
N ASP C 427 1.53 8.60 24.16
CA ASP C 427 0.99 7.81 25.25
C ASP C 427 0.65 6.37 24.74
#